data_5KGH
#
_entry.id   5KGH
#
_cell.length_a   64.294
_cell.length_b   65.941
_cell.length_c   90.449
_cell.angle_alpha   90.00
_cell.angle_beta   106.57
_cell.angle_gamma   90.00
#
_symmetry.space_group_name_H-M   'P 1 21 1'
#
loop_
_entity.id
_entity.type
_entity.pdbx_description
1 polymer 'Predicted acetyltransferase'
2 non-polymer 'ACETYL COENZYME *A'
3 non-polymer 1,2-ETHANEDIOL
4 non-polymer 'CHLORIDE ION'
5 water water
#
_entity_poly.entity_id   1
_entity_poly.type   'polypeptide(L)'
_entity_poly.pdbx_seq_one_letter_code
;MEIKETYDFSSIVDLWNKNIGTVYPMNLELFKQNYINDRQRKKIMGAFNGEILIGFVIYKQWTYKSGSLKPNHKIGYINS
IIVDINFRHQGIGTKLLDAAEEELINSGVKILRCGSDTYHFFPGIPLECLPSEEFFLVRGYKMQDYFYDLIGDVSKVDFK
KPSIKDGFKVNVMKPEDRKGLFEFLEKSFSGRWLEEFIEFFQVGMKERDIVLIKYKTSVIGFSHIYDNKSSFIGPPIYWK
ALLGHNYGGLGPIGIDKTYRKQGLGRLLLYESLQILKKREVKKMVIDWTEKDIINFFGRFNFMPWKAYRKATKEVKDGKG
GGHHHHHH
;
_entity_poly.pdbx_strand_id   A,B
#
loop_
_chem_comp.id
_chem_comp.type
_chem_comp.name
_chem_comp.formula
ACO non-polymer 'ACETYL COENZYME *A' 'C23 H38 N7 O17 P3 S'
CL non-polymer 'CHLORIDE ION' 'Cl -1'
EDO non-polymer 1,2-ETHANEDIOL 'C2 H6 O2'
#
# COMPACT_ATOMS: atom_id res chain seq x y z
N MET A 1 1.53 -7.46 -35.21
CA MET A 1 0.70 -7.05 -34.04
C MET A 1 -0.77 -7.10 -34.45
N GLU A 2 -1.55 -7.87 -33.70
CA GLU A 2 -2.95 -8.06 -34.02
C GLU A 2 -3.85 -7.88 -32.78
N ILE A 3 -5.02 -7.27 -33.00
CA ILE A 3 -6.00 -7.03 -31.95
C ILE A 3 -7.28 -7.85 -32.23
N LYS A 4 -7.62 -8.77 -31.33
CA LYS A 4 -8.83 -9.57 -31.51
C LYS A 4 -9.36 -10.06 -30.18
N GLU A 5 -10.63 -10.44 -30.21
CA GLU A 5 -11.34 -10.92 -29.04
C GLU A 5 -10.63 -12.18 -28.57
N THR A 6 -10.52 -12.35 -27.27
CA THR A 6 -9.96 -13.57 -26.70
C THR A 6 -10.70 -14.05 -25.47
N TYR A 7 -10.83 -15.37 -25.29
CA TYR A 7 -11.36 -15.92 -24.04
C TYR A 7 -10.37 -16.90 -23.40
N ASP A 8 -9.09 -16.74 -23.72
CA ASP A 8 -8.04 -17.57 -23.16
C ASP A 8 -7.73 -17.07 -21.75
N PHE A 9 -8.52 -17.52 -20.78
CA PHE A 9 -8.44 -16.99 -19.42
C PHE A 9 -7.09 -17.30 -18.76
N SER A 10 -6.50 -18.45 -19.10
CA SER A 10 -5.23 -18.88 -18.51
C SER A 10 -4.06 -17.98 -18.88
N SER A 11 -3.98 -17.65 -20.17
CA SER A 11 -2.94 -16.79 -20.72
C SER A 11 -3.07 -15.34 -20.18
N ILE A 12 -4.31 -14.89 -20.01
CA ILE A 12 -4.61 -13.61 -19.36
C ILE A 12 -4.16 -13.55 -17.88
N VAL A 13 -4.55 -14.57 -17.09
CA VAL A 13 -4.09 -14.73 -15.71
C VAL A 13 -2.56 -14.73 -15.64
N ASP A 14 -1.90 -15.46 -16.54
CA ASP A 14 -0.43 -15.50 -16.52
C ASP A 14 0.16 -14.13 -16.78
N LEU A 15 -0.42 -13.42 -17.75
CA LEU A 15 0.10 -12.11 -18.11
C LEU A 15 -0.08 -11.13 -16.96
N TRP A 16 -1.27 -11.12 -16.37
CA TRP A 16 -1.59 -10.38 -15.14
C TRP A 16 -0.52 -10.67 -14.08
N ASN A 17 -0.27 -11.93 -13.79
CA ASN A 17 0.62 -12.23 -12.68
C ASN A 17 2.06 -11.87 -12.96
N LYS A 18 2.48 -12.06 -14.20
CA LYS A 18 3.82 -11.67 -14.62
C LYS A 18 4.04 -10.16 -14.42
N ASN A 19 3.01 -9.36 -14.68
CA ASN A 19 3.19 -7.91 -14.66
C ASN A 19 2.85 -7.21 -13.35
N ILE A 20 1.77 -7.64 -12.70
CA ILE A 20 1.35 -7.00 -11.45
C ILE A 20 1.07 -7.94 -10.27
N GLY A 21 1.41 -9.22 -10.45
CA GLY A 21 1.08 -10.25 -9.48
C GLY A 21 1.76 -10.19 -8.13
N THR A 22 2.73 -9.30 -7.97
CA THR A 22 3.41 -9.12 -6.68
C THR A 22 2.49 -8.37 -5.70
N VAL A 23 1.63 -7.50 -6.22
CA VAL A 23 0.66 -6.71 -5.45
C VAL A 23 -0.82 -7.01 -5.71
N TYR A 24 -1.12 -7.64 -6.85
CA TYR A 24 -2.45 -8.11 -7.19
C TYR A 24 -2.34 -9.56 -7.70
N PRO A 25 -2.03 -10.53 -6.80
CA PRO A 25 -1.80 -11.90 -7.22
C PRO A 25 -3.13 -12.44 -7.65
N MET A 26 -3.24 -12.89 -8.90
CA MET A 26 -4.49 -13.32 -9.49
C MET A 26 -4.44 -14.84 -9.50
N ASN A 27 -5.59 -15.49 -9.40
CA ASN A 27 -5.67 -16.88 -9.80
C ASN A 27 -6.91 -17.17 -10.63
N LEU A 28 -6.88 -18.33 -11.28
CA LEU A 28 -7.88 -18.67 -12.31
C LEU A 28 -9.25 -18.85 -11.68
N GLU A 29 -9.31 -19.41 -10.48
CA GLU A 29 -10.59 -19.53 -9.81
C GLU A 29 -11.23 -18.15 -9.62
N LEU A 30 -10.47 -17.19 -9.08
CA LEU A 30 -11.00 -15.81 -8.93
C LEU A 30 -11.38 -15.19 -10.26
N PHE A 31 -10.51 -15.32 -11.26
CA PHE A 31 -10.72 -14.67 -12.56
C PHE A 31 -11.99 -15.17 -13.23
N LYS A 32 -12.19 -16.49 -13.15
CA LYS A 32 -13.35 -17.14 -13.77
C LYS A 32 -14.59 -16.77 -13.00
N GLN A 33 -14.51 -16.80 -11.67
CA GLN A 33 -15.64 -16.39 -10.85
C GLN A 33 -16.17 -15.02 -11.25
N ASN A 34 -15.31 -13.99 -11.22
CA ASN A 34 -15.71 -12.64 -11.62
C ASN A 34 -16.01 -12.39 -13.09
N TYR A 35 -15.24 -12.94 -14.02
CA TYR A 35 -15.54 -12.71 -15.43
C TYR A 35 -16.83 -13.43 -15.87
N ILE A 36 -16.96 -14.71 -15.54
CA ILE A 36 -18.06 -15.52 -16.10
C ILE A 36 -19.44 -15.12 -15.54
N ASN A 37 -19.50 -14.88 -14.24
CA ASN A 37 -20.77 -14.51 -13.59
C ASN A 37 -21.23 -13.06 -13.78
N ASP A 38 -20.39 -12.18 -14.32
CA ASP A 38 -20.85 -10.83 -14.62
C ASP A 38 -21.92 -10.81 -15.71
N ARG A 39 -22.96 -10.01 -15.48
CA ARG A 39 -24.15 -10.02 -16.31
C ARG A 39 -24.28 -8.82 -17.26
N GLN A 40 -23.22 -8.00 -17.35
CA GLN A 40 -23.22 -6.85 -18.24
C GLN A 40 -22.83 -7.28 -19.63
N ARG A 41 -23.07 -6.41 -20.60
CA ARG A 41 -22.46 -6.60 -21.90
C ARG A 41 -20.95 -6.46 -21.68
N LYS A 42 -20.20 -7.52 -21.96
CA LYS A 42 -18.81 -7.62 -21.54
C LYS A 42 -17.94 -8.16 -22.67
N LYS A 43 -16.66 -7.80 -22.67
CA LYS A 43 -15.70 -8.30 -23.64
C LYS A 43 -14.24 -8.21 -23.16
N ILE A 44 -13.41 -9.11 -23.67
CA ILE A 44 -11.96 -9.01 -23.58
C ILE A 44 -11.36 -8.92 -25.00
N MET A 45 -10.63 -7.87 -25.27
CA MET A 45 -9.84 -7.74 -26.48
C MET A 45 -8.39 -8.00 -26.06
N GLY A 46 -7.70 -8.79 -26.87
CA GLY A 46 -6.30 -9.12 -26.62
C GLY A 46 -5.48 -8.58 -27.75
N ALA A 47 -4.20 -8.34 -27.45
CA ALA A 47 -3.22 -7.91 -28.42
C ALA A 47 -2.26 -9.07 -28.50
N PHE A 48 -1.81 -9.40 -29.71
CA PHE A 48 -1.10 -10.64 -30.01
C PHE A 48 0.05 -10.37 -30.94
N ASN A 49 1.20 -10.98 -30.68
CA ASN A 49 2.24 -11.16 -31.69
C ASN A 49 2.18 -12.63 -32.10
N GLY A 50 1.70 -12.86 -33.33
CA GLY A 50 1.37 -14.19 -33.81
C GLY A 50 0.40 -14.83 -32.86
N GLU A 51 0.82 -15.94 -32.26
CA GLU A 51 -0.01 -16.71 -31.36
C GLU A 51 0.04 -16.22 -29.91
N ILE A 52 0.94 -15.30 -29.61
CA ILE A 52 1.24 -14.95 -28.22
C ILE A 52 0.52 -13.66 -27.78
N LEU A 53 -0.31 -13.79 -26.75
CA LEU A 53 -0.92 -12.65 -26.05
C LEU A 53 0.14 -11.74 -25.41
N ILE A 54 0.15 -10.48 -25.81
CA ILE A 54 1.04 -9.47 -25.23
C ILE A 54 0.30 -8.31 -24.51
N GLY A 55 -1.03 -8.30 -24.54
CA GLY A 55 -1.81 -7.24 -23.87
C GLY A 55 -3.28 -7.60 -23.83
N PHE A 56 -4.05 -7.00 -22.93
CA PHE A 56 -5.51 -7.22 -22.96
C PHE A 56 -6.24 -6.05 -22.32
N VAL A 57 -7.50 -5.93 -22.69
CA VAL A 57 -8.42 -5.02 -22.00
C VAL A 57 -9.75 -5.73 -21.77
N ILE A 58 -10.27 -5.56 -20.57
CA ILE A 58 -11.58 -6.07 -20.19
C ILE A 58 -12.53 -4.89 -19.93
N TYR A 59 -13.68 -4.88 -20.59
CA TYR A 59 -14.56 -3.72 -20.56
C TYR A 59 -16.03 -4.13 -20.63
N LYS A 60 -16.89 -3.25 -20.13
CA LYS A 60 -18.30 -3.53 -19.90
C LYS A 60 -19.15 -2.28 -20.09
N GLN A 61 -20.42 -2.48 -20.45
CA GLN A 61 -21.43 -1.43 -20.46
C GLN A 61 -22.48 -1.85 -19.43
N TRP A 62 -23.03 -0.88 -18.69
CA TRP A 62 -24.07 -1.16 -17.72
C TRP A 62 -25.35 -1.40 -18.52
N THR A 63 -25.72 -2.68 -18.60
CA THR A 63 -26.88 -3.16 -19.38
C THR A 63 -27.83 -4.01 -18.54
N TYR A 64 -27.39 -4.46 -17.37
CA TYR A 64 -28.19 -5.32 -16.53
C TYR A 64 -28.62 -4.55 -15.29
N LYS A 65 -29.87 -4.77 -14.87
CA LYS A 65 -30.46 -4.09 -13.72
C LYS A 65 -29.63 -4.24 -12.46
N SER A 66 -29.69 -3.22 -11.61
CA SER A 66 -29.10 -3.29 -10.28
C SER A 66 -30.16 -3.22 -9.18
N GLY A 67 -30.64 -4.40 -8.78
CA GLY A 67 -31.73 -4.50 -7.82
C GLY A 67 -32.99 -3.87 -8.39
N SER A 68 -33.56 -2.89 -7.70
CA SER A 68 -34.69 -2.12 -8.22
C SER A 68 -34.34 -1.20 -9.40
N LEU A 69 -33.06 -0.94 -9.62
CA LEU A 69 -32.64 0.04 -10.61
C LEU A 69 -32.41 -0.52 -12.02
N LYS A 70 -32.97 0.18 -13.00
CA LYS A 70 -32.63 -0.10 -14.38
C LYS A 70 -31.16 0.23 -14.67
N PRO A 71 -30.58 -0.41 -15.69
CA PRO A 71 -29.23 -0.06 -16.04
C PRO A 71 -29.21 1.35 -16.61
N ASN A 72 -28.13 2.07 -16.35
CA ASN A 72 -27.84 3.29 -17.07
C ASN A 72 -26.85 2.93 -18.16
N HIS A 73 -27.35 2.77 -19.38
CA HIS A 73 -26.53 2.48 -20.56
C HIS A 73 -25.47 3.51 -20.93
N LYS A 74 -25.58 4.71 -20.38
CA LYS A 74 -24.52 5.71 -20.54
C LYS A 74 -23.20 5.44 -19.83
N ILE A 75 -23.18 4.51 -18.88
CA ILE A 75 -21.96 4.17 -18.14
C ILE A 75 -21.25 2.95 -18.76
N GLY A 76 -19.98 3.15 -19.10
CA GLY A 76 -19.07 2.04 -19.39
C GLY A 76 -17.88 2.00 -18.43
N TYR A 77 -17.26 0.82 -18.36
CA TYR A 77 -16.16 0.52 -17.45
C TYR A 77 -14.98 -0.16 -18.15
N ILE A 78 -13.76 0.29 -17.82
CA ILE A 78 -12.52 -0.42 -18.12
C ILE A 78 -12.26 -1.25 -16.87
N ASN A 79 -12.53 -2.54 -16.93
CA ASN A 79 -12.33 -3.40 -15.76
C ASN A 79 -10.86 -3.57 -15.43
N SER A 80 -10.05 -3.68 -16.47
CA SER A 80 -8.60 -3.88 -16.37
C SER A 80 -7.98 -3.68 -17.74
N ILE A 81 -6.73 -3.18 -17.75
CA ILE A 81 -5.91 -3.19 -18.95
C ILE A 81 -4.44 -3.33 -18.57
N ILE A 82 -3.76 -4.27 -19.22
CA ILE A 82 -2.35 -4.51 -18.92
C ILE A 82 -1.71 -4.86 -20.25
N VAL A 83 -0.61 -4.16 -20.56
CA VAL A 83 0.27 -4.51 -21.67
C VAL A 83 1.54 -5.14 -21.09
N ASP A 84 2.09 -6.18 -21.73
CA ASP A 84 3.23 -6.85 -21.13
C ASP A 84 4.40 -5.90 -21.00
N ILE A 85 5.14 -6.04 -19.90
CA ILE A 85 6.32 -5.23 -19.61
C ILE A 85 7.31 -5.17 -20.78
N ASN A 86 7.48 -6.26 -21.55
CA ASN A 86 8.45 -6.21 -22.65
C ASN A 86 7.93 -5.55 -23.94
N PHE A 87 6.69 -5.09 -23.97
CA PHE A 87 6.10 -4.44 -25.15
C PHE A 87 5.43 -3.09 -24.83
N ARG A 88 5.83 -2.44 -23.75
CA ARG A 88 5.29 -1.10 -23.41
C ARG A 88 5.77 -0.04 -24.41
N HIS A 89 5.10 1.11 -24.37
CA HIS A 89 5.49 2.28 -25.15
C HIS A 89 5.65 1.93 -26.63
N GLN A 90 4.85 0.99 -27.13
CA GLN A 90 4.77 0.78 -28.58
C GLN A 90 3.39 1.14 -29.09
N GLY A 91 2.56 1.77 -28.25
CA GLY A 91 1.18 2.10 -28.59
C GLY A 91 0.15 0.99 -28.52
N ILE A 92 0.48 -0.12 -27.88
CA ILE A 92 -0.46 -1.24 -27.81
C ILE A 92 -1.62 -0.86 -26.89
N GLY A 93 -1.32 -0.18 -25.79
CA GLY A 93 -2.34 0.20 -24.81
C GLY A 93 -3.35 1.15 -25.43
N THR A 94 -2.84 2.17 -26.11
CA THR A 94 -3.66 3.06 -26.95
C THR A 94 -4.54 2.26 -27.90
N LYS A 95 -3.95 1.38 -28.70
CA LYS A 95 -4.78 0.56 -29.59
C LYS A 95 -5.91 -0.16 -28.87
N LEU A 96 -5.62 -0.81 -27.74
CA LEU A 96 -6.64 -1.62 -27.10
C LEU A 96 -7.68 -0.71 -26.49
N LEU A 97 -7.26 0.38 -25.85
CA LEU A 97 -8.25 1.25 -25.23
C LEU A 97 -9.05 1.93 -26.33
N ASP A 98 -8.44 2.18 -27.48
CA ASP A 98 -9.18 2.85 -28.56
C ASP A 98 -10.36 1.98 -28.99
N ALA A 99 -10.10 0.70 -29.21
CA ALA A 99 -11.11 -0.27 -29.64
C ALA A 99 -12.23 -0.49 -28.62
N ALA A 100 -11.84 -0.61 -27.35
CA ALA A 100 -12.78 -0.74 -26.25
C ALA A 100 -13.67 0.47 -26.21
N GLU A 101 -13.06 1.66 -26.20
CA GLU A 101 -13.85 2.87 -26.10
C GLU A 101 -14.80 3.02 -27.31
N GLU A 102 -14.29 2.80 -28.51
CA GLU A 102 -15.08 3.01 -29.72
C GLU A 102 -16.35 2.14 -29.68
N GLU A 103 -16.17 0.87 -29.31
CA GLU A 103 -17.29 -0.06 -29.25
C GLU A 103 -18.30 0.47 -28.24
N LEU A 104 -17.82 0.96 -27.10
CA LEU A 104 -18.69 1.35 -25.99
C LEU A 104 -19.48 2.59 -26.37
N ILE A 105 -18.78 3.54 -26.96
CA ILE A 105 -19.37 4.79 -27.44
C ILE A 105 -20.50 4.50 -28.45
N ASN A 106 -20.28 3.55 -29.34
CA ASN A 106 -21.26 3.17 -30.36
C ASN A 106 -22.50 2.42 -29.83
N SER A 107 -22.37 1.79 -28.67
CA SER A 107 -23.51 1.29 -27.91
C SER A 107 -24.18 2.32 -26.99
N GLY A 108 -23.81 3.60 -27.10
CA GLY A 108 -24.44 4.68 -26.32
C GLY A 108 -23.77 5.12 -25.02
N VAL A 109 -22.51 4.72 -24.83
CA VAL A 109 -21.80 5.08 -23.58
C VAL A 109 -21.35 6.54 -23.68
N LYS A 110 -21.60 7.31 -22.61
CA LYS A 110 -21.08 8.68 -22.46
C LYS A 110 -20.18 8.91 -21.25
N ILE A 111 -20.08 7.94 -20.34
CA ILE A 111 -19.27 8.10 -19.13
C ILE A 111 -18.49 6.80 -18.98
N LEU A 112 -17.18 6.92 -19.12
CA LEU A 112 -16.26 5.79 -19.03
C LEU A 112 -15.53 5.82 -17.69
N ARG A 113 -15.60 4.71 -16.97
CA ARG A 113 -15.03 4.61 -15.62
C ARG A 113 -13.90 3.58 -15.50
N CYS A 114 -12.90 3.90 -14.67
CA CYS A 114 -11.72 3.05 -14.50
C CYS A 114 -12.04 2.20 -13.31
N GLY A 115 -12.31 0.93 -13.55
CA GLY A 115 -12.79 0.07 -12.47
C GLY A 115 -14.16 0.52 -11.97
N SER A 116 -14.51 0.08 -10.75
CA SER A 116 -15.83 0.25 -10.12
C SER A 116 -16.97 -0.64 -10.68
N ASP A 117 -16.67 -1.47 -11.66
CA ASP A 117 -17.71 -2.31 -12.27
C ASP A 117 -18.21 -3.41 -11.34
N THR A 118 -19.25 -4.09 -11.80
CA THR A 118 -19.75 -5.24 -11.10
C THR A 118 -18.64 -6.25 -11.25
N TYR A 119 -18.44 -7.11 -10.26
CA TYR A 119 -17.37 -8.12 -10.31
C TYR A 119 -16.04 -7.45 -10.70
N HIS A 120 -15.85 -6.21 -10.22
CA HIS A 120 -14.57 -5.53 -10.35
C HIS A 120 -13.43 -6.37 -9.79
N PHE A 121 -12.24 -6.11 -10.33
CA PHE A 121 -11.00 -6.34 -9.63
C PHE A 121 -10.53 -5.11 -8.85
N PHE A 122 -10.84 -3.92 -9.36
CA PHE A 122 -10.42 -2.69 -8.69
C PHE A 122 -11.53 -1.66 -8.51
N PRO A 123 -11.62 -1.00 -7.34
CA PRO A 123 -12.51 0.17 -7.21
C PRO A 123 -12.15 1.42 -8.00
N GLY A 124 -10.94 1.46 -8.52
CA GLY A 124 -10.39 2.63 -9.16
C GLY A 124 -8.99 2.26 -9.61
N ILE A 125 -8.21 3.25 -10.04
CA ILE A 125 -6.84 2.99 -10.47
C ILE A 125 -6.00 2.71 -9.23
N PRO A 126 -5.46 1.49 -9.10
CA PRO A 126 -4.60 1.23 -7.95
C PRO A 126 -3.42 2.19 -7.80
N LEU A 127 -3.04 2.48 -6.55
CA LEU A 127 -1.88 3.37 -6.32
C LEU A 127 -0.65 2.66 -6.84
N GLU A 128 -0.66 1.32 -6.83
CA GLU A 128 0.48 0.57 -7.40
C GLU A 128 0.57 0.79 -8.94
N CYS A 129 -0.52 1.24 -9.53
CA CYS A 129 -0.64 1.55 -10.96
C CYS A 129 -0.69 3.05 -11.18
N LEU A 130 -0.13 3.78 -10.22
CA LEU A 130 -0.08 5.23 -10.30
C LEU A 130 0.51 5.76 -11.63
N PRO A 131 1.63 5.20 -12.13
CA PRO A 131 2.12 5.67 -13.44
C PRO A 131 1.10 5.59 -14.58
N SER A 132 0.16 4.65 -14.51
CA SER A 132 -0.95 4.68 -15.46
C SER A 132 -1.85 5.91 -15.41
N GLU A 133 -1.85 6.65 -14.31
CA GLU A 133 -2.76 7.78 -14.23
C GLU A 133 -2.49 8.67 -15.43
N GLU A 134 -1.21 8.77 -15.82
CA GLU A 134 -0.83 9.74 -16.85
C GLU A 134 -1.33 9.27 -18.21
N PHE A 135 -1.24 7.96 -18.43
CA PHE A 135 -1.80 7.33 -19.61
C PHE A 135 -3.27 7.65 -19.72
N PHE A 136 -4.03 7.50 -18.63
CA PHE A 136 -5.47 7.77 -18.70
C PHE A 136 -5.76 9.25 -18.89
N LEU A 137 -4.96 10.10 -18.24
CA LEU A 137 -5.09 11.55 -18.38
C LEU A 137 -4.94 11.99 -19.85
N VAL A 138 -3.95 11.45 -20.55
CA VAL A 138 -3.72 11.86 -21.93
C VAL A 138 -5.00 11.62 -22.74
N ARG A 139 -5.72 10.57 -22.38
CA ARG A 139 -6.94 10.21 -23.06
C ARG A 139 -8.17 11.00 -22.67
N GLY A 140 -8.05 11.91 -21.70
CA GLY A 140 -9.19 12.71 -21.28
C GLY A 140 -9.97 12.15 -20.10
N TYR A 141 -9.41 11.16 -19.41
CA TYR A 141 -9.93 10.79 -18.10
C TYR A 141 -9.48 11.82 -17.07
N LYS A 142 -10.32 12.06 -16.08
CA LYS A 142 -10.06 13.02 -15.02
C LYS A 142 -9.94 12.30 -13.69
N MET A 143 -8.89 12.61 -12.94
CA MET A 143 -8.58 11.93 -11.69
C MET A 143 -9.33 12.62 -10.56
N GLN A 144 -10.10 11.83 -9.81
CA GLN A 144 -10.88 12.34 -8.68
C GLN A 144 -10.29 11.88 -7.32
N ASP A 145 -11.15 11.47 -6.40
CA ASP A 145 -10.80 11.13 -5.03
C ASP A 145 -10.34 9.67 -4.90
N TYR A 146 -10.02 9.25 -3.69
CA TYR A 146 -9.52 7.93 -3.39
C TYR A 146 -10.45 7.08 -2.53
N PHE A 147 -10.39 5.78 -2.81
CA PHE A 147 -10.98 4.75 -1.99
C PHE A 147 -9.82 3.94 -1.38
N TYR A 148 -10.07 3.26 -0.26
CA TYR A 148 -9.07 2.41 0.40
C TYR A 148 -9.59 1.02 0.74
N ASP A 149 -8.72 0.02 0.60
CA ASP A 149 -8.95 -1.27 1.22
C ASP A 149 -8.21 -1.13 2.56
N LEU A 150 -8.81 -1.60 3.63
CA LEU A 150 -8.19 -1.57 4.94
C LEU A 150 -7.75 -2.94 5.39
N ILE A 151 -6.74 -3.01 6.28
CA ILE A 151 -6.25 -4.29 6.79
C ILE A 151 -6.08 -4.18 8.30
N GLY A 152 -6.36 -5.30 8.98
CA GLY A 152 -6.05 -5.50 10.39
C GLY A 152 -5.84 -6.96 10.71
N ASP A 153 -5.27 -7.23 11.88
CA ASP A 153 -5.11 -8.60 12.35
C ASP A 153 -6.02 -8.76 13.56
N VAL A 154 -7.20 -9.31 13.35
CA VAL A 154 -8.17 -9.43 14.43
C VAL A 154 -7.72 -10.36 15.59
N SER A 155 -6.66 -11.14 15.43
CA SER A 155 -6.13 -11.91 16.56
C SER A 155 -5.33 -11.11 17.59
N LYS A 156 -4.86 -9.93 17.23
CA LYS A 156 -3.89 -9.19 18.07
C LYS A 156 -4.45 -8.23 19.13
N VAL A 157 -5.73 -7.88 19.06
CA VAL A 157 -6.30 -6.88 19.97
C VAL A 157 -7.62 -7.41 20.55
N ASP A 158 -7.95 -6.92 21.75
CA ASP A 158 -9.22 -7.16 22.43
C ASP A 158 -9.98 -5.86 22.63
N PHE A 159 -11.28 -5.87 22.32
CA PHE A 159 -12.13 -4.69 22.58
C PHE A 159 -13.29 -4.93 23.54
N LYS A 160 -13.61 -3.90 24.31
CA LYS A 160 -14.74 -3.97 25.24
C LYS A 160 -15.98 -3.81 24.38
N LYS A 161 -16.98 -4.65 24.59
CA LYS A 161 -18.24 -4.50 23.87
C LYS A 161 -18.77 -3.08 24.02
N PRO A 162 -19.38 -2.54 22.96
CA PRO A 162 -20.02 -1.24 23.12
C PRO A 162 -21.35 -1.40 23.85
N SER A 163 -21.73 -0.39 24.63
CA SER A 163 -22.85 -0.51 25.56
C SER A 163 -24.19 -0.41 24.83
N ILE A 164 -24.99 -1.47 24.94
CA ILE A 164 -26.00 -1.79 23.93
C ILE A 164 -27.40 -1.54 24.50
N LYS A 165 -28.27 -0.97 23.65
CA LYS A 165 -29.65 -0.69 24.03
C LYS A 165 -30.51 -1.94 23.88
N ASP A 166 -31.55 -1.98 24.68
CA ASP A 166 -32.32 -3.19 24.90
C ASP A 166 -33.19 -3.38 23.66
N GLY A 167 -33.43 -4.64 23.27
CA GLY A 167 -34.14 -4.98 22.04
C GLY A 167 -33.25 -5.31 20.85
N PHE A 168 -32.03 -4.77 20.82
CA PHE A 168 -31.14 -5.05 19.70
C PHE A 168 -30.29 -6.29 20.00
N LYS A 169 -30.12 -7.14 18.98
CA LYS A 169 -29.20 -8.28 19.08
C LYS A 169 -28.67 -8.71 17.71
N VAL A 170 -27.46 -9.25 17.71
CA VAL A 170 -26.71 -9.52 16.49
C VAL A 170 -26.41 -11.01 16.32
N ASN A 171 -26.70 -11.57 15.15
CA ASN A 171 -26.54 -12.99 14.97
C ASN A 171 -26.17 -13.38 13.56
N VAL A 172 -25.33 -14.40 13.45
CA VAL A 172 -25.08 -15.03 12.14
C VAL A 172 -26.42 -15.36 11.54
N MET A 173 -26.50 -15.23 10.23
CA MET A 173 -27.70 -15.54 9.48
C MET A 173 -28.09 -17.02 9.63
N LYS A 174 -29.40 -17.25 9.65
CA LYS A 174 -29.98 -18.58 9.49
C LYS A 174 -30.86 -18.63 8.23
N PRO A 175 -31.05 -19.84 7.66
CA PRO A 175 -31.67 -19.99 6.33
C PRO A 175 -33.08 -19.43 6.13
N GLU A 176 -33.78 -19.17 7.23
CA GLU A 176 -35.13 -18.63 7.18
C GLU A 176 -35.15 -17.10 7.25
N ASP A 177 -34.13 -16.50 7.89
CA ASP A 177 -33.93 -15.06 7.88
C ASP A 177 -33.93 -14.51 6.46
N ARG A 178 -33.63 -15.38 5.50
CA ARG A 178 -33.61 -14.99 4.09
C ARG A 178 -34.72 -14.05 3.64
N LYS A 179 -35.98 -14.44 3.85
CA LYS A 179 -37.10 -13.62 3.43
C LYS A 179 -36.96 -12.19 3.92
N GLY A 180 -36.69 -12.05 5.21
CA GLY A 180 -36.64 -10.74 5.86
C GLY A 180 -35.35 -9.96 5.63
N LEU A 181 -34.29 -10.65 5.21
CA LEU A 181 -33.10 -9.99 4.67
C LEU A 181 -33.45 -9.20 3.43
N PHE A 182 -34.04 -9.88 2.45
CA PHE A 182 -34.41 -9.26 1.19
C PHE A 182 -35.49 -8.19 1.30
N GLU A 183 -36.31 -8.27 2.35
CA GLU A 183 -37.26 -7.20 2.63
C GLU A 183 -36.52 -5.99 3.17
N PHE A 184 -35.58 -6.21 4.10
CA PHE A 184 -34.70 -5.14 4.54
C PHE A 184 -33.94 -4.50 3.38
N LEU A 185 -33.37 -5.30 2.48
CA LEU A 185 -32.57 -4.76 1.36
C LEU A 185 -33.39 -4.02 0.30
N GLU A 186 -34.54 -4.58 -0.06
CA GLU A 186 -35.47 -3.91 -0.96
C GLU A 186 -35.87 -2.52 -0.47
N LYS A 187 -35.84 -2.35 0.84
CA LYS A 187 -36.27 -1.14 1.49
C LYS A 187 -35.10 -0.18 1.70
N SER A 188 -33.91 -0.71 1.99
CA SER A 188 -32.82 0.08 2.53
C SER A 188 -31.57 0.13 1.64
N PHE A 189 -31.29 -0.94 0.89
CA PHE A 189 -30.17 -0.93 -0.06
C PHE A 189 -30.48 -1.63 -1.38
N SER A 190 -31.40 -1.04 -2.15
CA SER A 190 -32.08 -1.77 -3.21
C SER A 190 -31.40 -1.67 -4.56
N GLY A 191 -30.19 -1.13 -4.60
CA GLY A 191 -29.34 -1.20 -5.79
C GLY A 191 -28.28 -2.29 -5.71
N ARG A 192 -27.02 -1.87 -5.61
CA ARG A 192 -25.92 -2.79 -5.90
C ARG A 192 -25.87 -3.93 -4.88
N TRP A 193 -26.08 -3.56 -3.63
CA TRP A 193 -26.04 -4.54 -2.55
C TRP A 193 -27.19 -5.53 -2.61
N LEU A 194 -28.37 -5.08 -3.02
CA LEU A 194 -29.48 -6.02 -3.21
C LEU A 194 -29.10 -7.00 -4.31
N GLU A 195 -28.69 -6.45 -5.45
CA GLU A 195 -28.34 -7.26 -6.61
C GLU A 195 -27.30 -8.33 -6.32
N GLU A 196 -26.29 -7.94 -5.55
CA GLU A 196 -25.17 -8.83 -5.27
C GLU A 196 -25.65 -9.94 -4.36
N PHE A 197 -26.46 -9.61 -3.37
CA PHE A 197 -27.10 -10.65 -2.57
C PHE A 197 -27.84 -11.67 -3.42
N ILE A 198 -28.57 -11.18 -4.41
CA ILE A 198 -29.30 -12.07 -5.31
C ILE A 198 -28.33 -12.95 -6.06
N GLU A 199 -27.30 -12.36 -6.66
CA GLU A 199 -26.41 -13.12 -7.53
C GLU A 199 -25.47 -14.04 -6.71
N PHE A 200 -24.96 -13.52 -5.61
CA PHE A 200 -23.93 -14.22 -4.84
C PHE A 200 -24.49 -15.47 -4.19
N PHE A 201 -25.76 -15.40 -3.76
CA PHE A 201 -26.48 -16.59 -3.26
C PHE A 201 -26.62 -17.73 -4.27
N GLN A 202 -26.57 -17.42 -5.55
CA GLN A 202 -26.64 -18.41 -6.62
C GLN A 202 -25.29 -19.03 -6.98
N VAL A 203 -24.18 -18.48 -6.49
CA VAL A 203 -22.86 -19.04 -6.78
C VAL A 203 -22.03 -19.20 -5.51
N GLY A 204 -22.64 -19.86 -4.53
CA GLY A 204 -21.88 -20.37 -3.39
C GLY A 204 -21.83 -19.54 -2.13
N MET A 205 -22.47 -18.37 -2.10
CA MET A 205 -22.55 -17.65 -0.83
C MET A 205 -23.43 -18.44 0.13
N LYS A 206 -23.06 -18.41 1.41
CA LYS A 206 -23.70 -19.19 2.45
C LYS A 206 -24.15 -18.26 3.55
N GLU A 207 -25.22 -18.69 4.21
CA GLU A 207 -25.67 -18.00 5.41
C GLU A 207 -24.58 -17.73 6.44
N ARG A 208 -23.59 -18.62 6.56
CA ARG A 208 -22.52 -18.45 7.55
C ARG A 208 -21.63 -17.24 7.24
N ASP A 209 -21.61 -16.87 5.96
CA ASP A 209 -20.95 -15.64 5.52
C ASP A 209 -21.71 -14.34 5.76
N ILE A 210 -22.83 -14.36 6.45
CA ILE A 210 -23.68 -13.18 6.63
C ILE A 210 -23.99 -13.01 8.09
N VAL A 211 -23.82 -11.78 8.56
CA VAL A 211 -24.19 -11.42 9.90
C VAL A 211 -25.32 -10.40 9.80
N LEU A 212 -26.25 -10.46 10.75
CA LEU A 212 -27.47 -9.65 10.73
C LEU A 212 -27.74 -9.06 12.09
N ILE A 213 -28.20 -7.81 12.11
CA ILE A 213 -28.56 -7.15 13.37
C ILE A 213 -30.07 -6.90 13.33
N LYS A 214 -30.70 -7.07 14.49
CA LYS A 214 -32.16 -7.05 14.64
C LYS A 214 -32.60 -6.13 15.78
N TYR A 215 -33.69 -5.38 15.58
CA TYR A 215 -34.40 -4.79 16.71
C TYR A 215 -35.58 -5.72 16.97
N LYS A 216 -35.57 -6.36 18.14
CA LYS A 216 -36.43 -7.52 18.44
C LYS A 216 -36.40 -8.54 17.30
N THR A 217 -37.32 -8.39 16.34
CA THR A 217 -37.58 -9.38 15.31
C THR A 217 -37.22 -8.85 13.92
N SER A 218 -37.11 -7.54 13.74
CA SER A 218 -36.90 -7.00 12.40
C SER A 218 -35.41 -6.91 12.06
N VAL A 219 -35.07 -7.21 10.80
CA VAL A 219 -33.69 -7.06 10.30
C VAL A 219 -33.39 -5.61 9.96
N ILE A 220 -32.54 -4.96 10.76
CA ILE A 220 -32.17 -3.55 10.54
C ILE A 220 -30.76 -3.31 9.96
N GLY A 221 -30.01 -4.39 9.70
CA GLY A 221 -28.67 -4.23 9.16
C GLY A 221 -27.91 -5.53 8.93
N PHE A 222 -26.83 -5.46 8.17
CA PHE A 222 -26.08 -6.66 7.81
C PHE A 222 -24.58 -6.36 7.68
N SER A 223 -23.77 -7.40 7.87
CA SER A 223 -22.44 -7.48 7.26
C SER A 223 -22.21 -8.78 6.49
N HIS A 224 -21.32 -8.72 5.51
CA HIS A 224 -20.80 -9.89 4.81
C HIS A 224 -19.38 -10.12 5.34
N ILE A 225 -19.17 -11.29 5.91
CA ILE A 225 -17.86 -11.73 6.37
C ILE A 225 -17.31 -12.93 5.58
N TYR A 226 -15.98 -13.09 5.63
CA TYR A 226 -15.26 -14.11 4.83
C TYR A 226 -14.12 -14.74 5.61
N ASP A 227 -13.88 -16.03 5.38
CA ASP A 227 -12.71 -16.75 5.88
C ASP A 227 -12.27 -17.77 4.84
N ASN A 228 -11.26 -18.59 5.18
CA ASN A 228 -10.75 -19.61 4.27
C ASN A 228 -11.71 -20.71 3.90
N LYS A 229 -12.83 -20.80 4.61
CA LYS A 229 -13.93 -21.67 4.21
C LYS A 229 -14.91 -21.06 3.22
N SER A 230 -14.99 -19.74 3.08
CA SER A 230 -15.99 -19.19 2.17
C SER A 230 -15.71 -19.73 0.78
N SER A 231 -16.74 -20.23 0.10
CA SER A 231 -16.60 -20.63 -1.30
C SER A 231 -16.86 -19.50 -2.29
N PHE A 232 -17.62 -18.47 -1.91
CA PHE A 232 -17.64 -17.27 -2.76
C PHE A 232 -16.48 -16.36 -2.40
N ILE A 233 -15.66 -16.03 -3.41
CA ILE A 233 -14.53 -15.12 -3.20
C ILE A 233 -14.94 -13.70 -3.57
N GLY A 234 -15.24 -12.91 -2.54
CA GLY A 234 -15.55 -11.49 -2.73
C GLY A 234 -14.38 -10.55 -2.48
N PRO A 235 -14.59 -9.24 -2.72
CA PRO A 235 -13.53 -8.22 -2.71
C PRO A 235 -12.60 -8.31 -1.52
N PRO A 236 -13.13 -8.42 -0.29
CA PRO A 236 -12.18 -8.45 0.81
C PRO A 236 -11.12 -9.54 0.72
N ILE A 237 -11.43 -10.64 0.04
CA ILE A 237 -10.50 -11.77 -0.06
C ILE A 237 -9.97 -12.05 -1.47
N TYR A 238 -10.13 -11.10 -2.38
CA TYR A 238 -9.44 -11.17 -3.67
C TYR A 238 -7.94 -11.46 -3.54
N TRP A 239 -7.27 -10.77 -2.63
CA TRP A 239 -5.81 -10.75 -2.62
C TRP A 239 -5.28 -11.56 -1.45
N LYS A 240 -5.96 -12.68 -1.22
CA LYS A 240 -5.81 -13.50 -0.04
C LYS A 240 -4.45 -14.19 -0.02
N ALA A 241 -3.88 -14.38 -1.21
CA ALA A 241 -2.48 -14.79 -1.34
C ALA A 241 -1.49 -13.86 -0.61
N LEU A 242 -1.85 -12.61 -0.38
CA LEU A 242 -1.02 -11.74 0.42
C LEU A 242 -1.34 -11.75 1.91
N LEU A 243 -2.35 -12.50 2.34
CA LEU A 243 -2.87 -12.37 3.68
C LEU A 243 -2.46 -13.49 4.65
N GLY A 244 -1.71 -14.49 4.18
CA GLY A 244 -1.19 -15.54 5.05
C GLY A 244 -2.21 -16.59 5.49
N HIS A 245 -1.89 -17.36 6.53
CA HIS A 245 -2.77 -18.46 6.94
C HIS A 245 -3.93 -17.88 7.74
N ASN A 246 -5.12 -18.47 7.60
CA ASN A 246 -6.31 -18.03 8.33
C ASN A 246 -6.73 -16.57 8.05
N TYR A 247 -6.69 -16.19 6.79
CA TYR A 247 -7.11 -14.86 6.34
C TYR A 247 -8.62 -14.72 6.50
N GLY A 248 -9.08 -13.48 6.58
CA GLY A 248 -10.51 -13.20 6.47
C GLY A 248 -10.82 -11.87 5.82
N GLY A 249 -12.08 -11.47 5.92
CA GLY A 249 -12.51 -10.19 5.35
C GLY A 249 -13.91 -9.83 5.80
N LEU A 250 -14.25 -8.55 5.60
CA LEU A 250 -15.54 -7.99 5.97
C LEU A 250 -15.87 -6.85 5.02
N GLY A 251 -17.05 -6.93 4.41
CA GLY A 251 -17.62 -5.85 3.62
C GLY A 251 -18.51 -6.39 2.52
N PRO A 252 -19.64 -5.74 2.19
CA PRO A 252 -20.11 -4.54 2.87
C PRO A 252 -20.74 -4.73 4.22
N ILE A 253 -20.99 -3.59 4.86
CA ILE A 253 -21.73 -3.52 6.12
C ILE A 253 -22.71 -2.34 5.97
N GLY A 254 -23.97 -2.54 6.37
CA GLY A 254 -25.00 -1.49 6.28
C GLY A 254 -26.07 -1.54 7.37
N ILE A 255 -26.52 -0.37 7.81
CA ILE A 255 -27.53 -0.20 8.84
C ILE A 255 -28.64 0.59 8.13
N ASP A 256 -29.89 0.16 8.37
CA ASP A 256 -31.07 0.92 7.91
C ASP A 256 -30.96 2.39 8.28
N LYS A 257 -31.33 3.24 7.34
CA LYS A 257 -31.11 4.68 7.49
C LYS A 257 -31.67 5.28 8.78
N THR A 258 -32.82 4.80 9.24
CA THR A 258 -33.47 5.41 10.40
C THR A 258 -32.78 5.03 11.69
N TYR A 259 -32.08 3.90 11.69
CA TYR A 259 -31.32 3.44 12.85
C TYR A 259 -29.86 3.90 12.91
N ARG A 260 -29.42 4.77 12.00
CA ARG A 260 -28.02 5.19 11.97
C ARG A 260 -27.71 6.19 13.07
N LYS A 261 -26.40 6.40 13.33
CA LYS A 261 -25.91 7.39 14.30
C LYS A 261 -26.26 7.16 15.77
N GLN A 262 -26.60 5.93 16.14
CA GLN A 262 -26.91 5.57 17.51
C GLN A 262 -26.02 4.45 18.05
N GLY A 263 -24.91 4.11 17.38
CA GLY A 263 -24.00 3.09 17.90
C GLY A 263 -24.27 1.69 17.37
N LEU A 264 -25.34 1.52 16.62
CA LEU A 264 -25.71 0.22 16.09
C LEU A 264 -24.73 -0.38 15.06
N GLY A 265 -24.26 0.43 14.11
CA GLY A 265 -23.13 0.02 13.26
C GLY A 265 -21.88 -0.47 14.02
N ARG A 266 -21.51 0.28 15.04
CA ARG A 266 -20.37 -0.09 15.85
C ARG A 266 -20.64 -1.47 16.50
N LEU A 267 -21.84 -1.67 17.03
CA LEU A 267 -22.21 -2.99 17.54
C LEU A 267 -22.15 -4.11 16.50
N LEU A 268 -22.80 -3.90 15.36
CA LEU A 268 -22.70 -4.84 14.24
C LEU A 268 -21.25 -5.15 13.90
N LEU A 269 -20.39 -4.14 13.85
CA LEU A 269 -19.00 -4.36 13.47
C LEU A 269 -18.31 -5.19 14.54
N TYR A 270 -18.36 -4.71 15.78
CA TYR A 270 -17.77 -5.40 16.93
C TYR A 270 -18.10 -6.89 16.92
N GLU A 271 -19.38 -7.22 16.80
CA GLU A 271 -19.79 -8.62 16.84
C GLU A 271 -19.37 -9.38 15.60
N SER A 272 -19.41 -8.75 14.43
CA SER A 272 -18.96 -9.42 13.19
C SER A 272 -17.48 -9.85 13.29
N LEU A 273 -16.69 -8.97 13.89
CA LEU A 273 -15.26 -9.20 14.15
C LEU A 273 -15.05 -10.26 15.23
N GLN A 274 -15.86 -10.20 16.29
CA GLN A 274 -15.84 -11.24 17.32
C GLN A 274 -16.10 -12.61 16.71
N ILE A 275 -17.10 -12.72 15.84
CA ILE A 275 -17.35 -13.98 15.14
C ILE A 275 -16.09 -14.44 14.40
N LEU A 276 -15.47 -13.52 13.67
CA LEU A 276 -14.29 -13.83 12.88
C LEU A 276 -13.14 -14.30 13.76
N LYS A 277 -12.93 -13.55 14.84
CA LYS A 277 -11.85 -13.80 15.78
C LYS A 277 -11.98 -15.17 16.42
N LYS A 278 -13.22 -15.54 16.72
CA LYS A 278 -13.55 -16.89 17.21
C LYS A 278 -13.31 -17.96 16.14
N ARG A 279 -13.49 -17.63 14.87
CA ARG A 279 -13.16 -18.55 13.80
C ARG A 279 -11.64 -18.66 13.53
N GLU A 280 -10.81 -18.16 14.44
CA GLU A 280 -9.36 -18.19 14.28
C GLU A 280 -8.86 -17.36 13.07
N VAL A 281 -9.55 -16.25 12.76
CA VAL A 281 -9.08 -15.40 11.66
C VAL A 281 -7.93 -14.53 12.16
N LYS A 282 -6.94 -14.32 11.31
CA LYS A 282 -5.82 -13.43 11.63
C LYS A 282 -5.93 -12.16 10.77
N LYS A 283 -5.08 -12.00 9.76
CA LYS A 283 -5.15 -10.83 8.90
C LYS A 283 -6.39 -10.80 8.03
N MET A 284 -7.06 -9.66 8.02
CA MET A 284 -8.25 -9.50 7.20
C MET A 284 -8.40 -8.10 6.62
N VAL A 285 -9.19 -8.04 5.54
CA VAL A 285 -9.38 -6.84 4.75
C VAL A 285 -10.82 -6.32 4.73
N ILE A 286 -10.96 -5.01 4.76
CA ILE A 286 -12.24 -4.36 4.61
C ILE A 286 -12.13 -3.51 3.34
N ASP A 287 -12.96 -3.83 2.35
CA ASP A 287 -12.75 -3.35 0.97
C ASP A 287 -13.51 -2.04 0.66
N TRP A 288 -12.92 -1.19 -0.18
CA TRP A 288 -13.62 -0.12 -0.88
C TRP A 288 -14.30 0.84 0.09
N THR A 289 -13.50 1.50 0.92
CA THR A 289 -13.98 2.45 1.89
C THR A 289 -13.63 3.86 1.44
N GLU A 290 -14.48 4.80 1.84
CA GLU A 290 -14.21 6.23 1.66
C GLU A 290 -13.42 6.74 2.84
N LYS A 291 -12.74 7.85 2.65
CA LYS A 291 -11.92 8.42 3.72
C LYS A 291 -12.70 8.77 5.00
N ASP A 292 -13.92 9.26 4.84
CA ASP A 292 -14.75 9.68 6.00
C ASP A 292 -15.17 8.53 6.89
N ILE A 293 -15.09 7.32 6.38
CA ILE A 293 -15.44 6.13 7.17
C ILE A 293 -14.24 5.32 7.66
N ILE A 294 -13.01 5.66 7.28
CA ILE A 294 -11.85 4.91 7.82
C ILE A 294 -11.84 4.78 9.34
N ASN A 295 -12.04 5.87 10.08
CA ASN A 295 -11.84 5.82 11.54
C ASN A 295 -12.86 4.98 12.33
N PHE A 296 -14.05 4.78 11.75
CA PHE A 296 -15.08 3.84 12.25
C PHE A 296 -14.47 2.44 12.31
N PHE A 297 -13.81 2.06 11.22
CA PHE A 297 -13.08 0.81 11.16
C PHE A 297 -11.75 0.87 11.95
N GLY A 298 -11.10 2.01 11.93
CA GLY A 298 -9.82 2.22 12.62
C GLY A 298 -9.88 2.06 14.14
N ARG A 299 -11.06 2.31 14.72
CA ARG A 299 -11.28 2.08 16.14
C ARG A 299 -10.95 0.64 16.56
N PHE A 300 -11.09 -0.28 15.61
CA PHE A 300 -10.83 -1.70 15.75
C PHE A 300 -9.48 -2.11 15.18
N ASN A 301 -8.58 -1.13 15.05
CA ASN A 301 -7.19 -1.33 14.61
C ASN A 301 -7.01 -1.64 13.13
N PHE A 302 -7.98 -1.28 12.30
CA PHE A 302 -7.84 -1.39 10.85
C PHE A 302 -7.11 -0.16 10.32
N MET A 303 -6.31 -0.37 9.29
CA MET A 303 -5.44 0.66 8.69
C MET A 303 -5.55 0.61 7.19
N PRO A 304 -5.54 1.78 6.53
CA PRO A 304 -5.54 1.73 5.08
C PRO A 304 -4.34 0.94 4.53
N TRP A 305 -4.62 0.07 3.55
CA TRP A 305 -3.69 -0.94 3.05
C TRP A 305 -3.42 -0.66 1.59
N LYS A 306 -4.49 -0.58 0.81
CA LYS A 306 -4.37 -0.28 -0.62
C LYS A 306 -5.21 0.97 -0.92
N ALA A 307 -4.79 1.75 -1.91
CA ALA A 307 -5.58 2.89 -2.37
C ALA A 307 -5.84 2.84 -3.88
N TYR A 308 -7.02 3.32 -4.23
CA TYR A 308 -7.53 3.35 -5.62
C TYR A 308 -8.04 4.73 -5.94
N ARG A 309 -7.71 5.23 -7.12
CA ARG A 309 -8.19 6.56 -7.50
C ARG A 309 -9.32 6.47 -8.51
N LYS A 310 -10.41 7.17 -8.18
CA LYS A 310 -11.57 7.28 -9.06
C LYS A 310 -11.16 8.04 -10.32
N ALA A 311 -11.57 7.54 -11.50
CA ALA A 311 -11.19 8.21 -12.74
C ALA A 311 -12.27 8.05 -13.79
N THR A 312 -12.62 9.18 -14.41
CA THR A 312 -13.81 9.24 -15.27
C THR A 312 -13.51 10.05 -16.52
N LYS A 313 -13.84 9.48 -17.68
CA LYS A 313 -13.77 10.18 -18.97
C LYS A 313 -15.19 10.46 -19.49
N GLU A 314 -15.41 11.72 -19.88
CA GLU A 314 -16.66 12.19 -20.49
C GLU A 314 -16.52 12.24 -22.00
N VAL A 315 -17.36 11.49 -22.71
CA VAL A 315 -17.27 11.41 -24.17
C VAL A 315 -17.82 12.72 -24.72
N LYS A 316 -17.08 13.36 -25.61
CA LYS A 316 -17.43 14.71 -26.08
C LYS A 316 -17.82 14.70 -27.56
N MET B 1 -1.23 8.84 34.69
CA MET B 1 -0.45 8.71 33.44
C MET B 1 0.77 9.62 33.56
N GLU B 2 1.95 9.00 33.47
CA GLU B 2 3.21 9.71 33.51
C GLU B 2 3.88 9.67 32.13
N ILE B 3 4.45 10.82 31.80
CA ILE B 3 5.33 11.02 30.66
C ILE B 3 6.77 11.15 31.13
N LYS B 4 7.62 10.23 30.68
CA LYS B 4 9.02 10.23 31.04
C LYS B 4 9.90 9.44 30.08
N GLU B 5 11.16 9.82 30.06
CA GLU B 5 12.14 9.12 29.24
C GLU B 5 12.13 7.62 29.41
N THR B 6 12.29 6.91 28.29
CA THR B 6 12.41 5.47 28.35
C THR B 6 13.38 4.91 27.33
N TYR B 7 14.06 3.82 27.68
CA TYR B 7 14.86 3.06 26.73
C TYR B 7 14.53 1.56 26.69
N ASP B 8 13.29 1.23 27.04
CA ASP B 8 12.85 -0.16 27.04
C ASP B 8 12.42 -0.55 25.63
N PHE B 9 13.40 -0.94 24.82
CA PHE B 9 13.17 -1.17 23.42
C PHE B 9 12.21 -2.33 23.16
N SER B 10 12.27 -3.37 23.99
CA SER B 10 11.31 -4.47 23.88
C SER B 10 9.87 -4.01 24.06
N SER B 11 9.62 -3.14 25.03
CA SER B 11 8.23 -2.68 25.26
C SER B 11 7.75 -1.86 24.06
N ILE B 12 8.61 -0.96 23.63
CA ILE B 12 8.32 -0.16 22.44
C ILE B 12 8.02 -0.99 21.21
N VAL B 13 8.94 -1.87 20.82
CA VAL B 13 8.72 -2.77 19.69
C VAL B 13 7.45 -3.57 19.83
N ASP B 14 7.17 -4.13 21.01
CA ASP B 14 5.90 -4.85 21.19
C ASP B 14 4.65 -4.01 20.90
N LEU B 15 4.67 -2.77 21.37
CA LEU B 15 3.53 -1.85 21.22
C LEU B 15 3.42 -1.47 19.74
N TRP B 16 4.56 -1.30 19.10
CA TRP B 16 4.60 -0.90 17.70
C TRP B 16 3.91 -2.01 16.91
N ASN B 17 4.33 -3.23 17.16
CA ASN B 17 3.79 -4.37 16.43
C ASN B 17 2.29 -4.68 16.64
N LYS B 18 1.86 -4.61 17.88
CA LYS B 18 0.44 -4.70 18.24
C LYS B 18 -0.39 -3.66 17.47
N ASN B 19 0.12 -2.43 17.36
CA ASN B 19 -0.62 -1.37 16.71
C ASN B 19 -0.48 -1.28 15.18
N ILE B 20 0.73 -1.39 14.63
CA ILE B 20 0.90 -1.23 13.19
C ILE B 20 1.71 -2.33 12.50
N GLY B 21 1.99 -3.42 13.24
CA GLY B 21 2.86 -4.51 12.79
C GLY B 21 2.42 -5.22 11.52
N THR B 22 1.13 -5.15 11.20
CA THR B 22 0.60 -5.82 10.01
C THR B 22 1.22 -5.20 8.76
N VAL B 23 1.47 -3.89 8.83
CA VAL B 23 2.00 -3.18 7.67
C VAL B 23 3.43 -2.71 7.85
N TYR B 24 3.84 -2.45 9.09
CA TYR B 24 5.22 -2.10 9.40
C TYR B 24 5.77 -3.07 10.46
N PRO B 25 5.98 -4.33 10.05
CA PRO B 25 6.45 -5.29 11.02
C PRO B 25 7.87 -5.02 11.51
N MET B 26 8.01 -4.82 12.82
CA MET B 26 9.28 -4.40 13.41
C MET B 26 9.96 -5.55 14.15
N ASN B 27 11.26 -5.74 13.92
CA ASN B 27 12.01 -6.67 14.79
C ASN B 27 12.90 -5.82 15.69
N LEU B 28 13.26 -6.37 16.85
CA LEU B 28 14.09 -5.70 17.80
C LEU B 28 15.50 -5.38 17.25
N GLU B 29 16.10 -6.26 16.45
CA GLU B 29 17.44 -5.97 15.86
C GLU B 29 17.45 -4.62 15.11
N LEU B 30 16.49 -4.45 14.20
CA LEU B 30 16.37 -3.23 13.42
C LEU B 30 16.17 -2.05 14.33
N PHE B 31 15.24 -2.15 15.28
CA PHE B 31 14.99 -1.06 16.20
C PHE B 31 16.25 -0.56 16.94
N LYS B 32 16.98 -1.52 17.50
CA LYS B 32 18.25 -1.21 18.15
C LYS B 32 19.32 -0.70 17.21
N GLN B 33 19.53 -1.39 16.09
CA GLN B 33 20.51 -0.93 15.11
C GLN B 33 20.23 0.57 14.90
N ASN B 34 18.99 0.91 14.56
CA ASN B 34 18.70 2.26 14.10
C ASN B 34 18.81 3.25 15.20
N TYR B 35 18.26 2.94 16.38
CA TYR B 35 18.33 3.87 17.49
C TYR B 35 19.75 3.99 18.03
N ILE B 36 20.46 2.89 18.32
CA ILE B 36 21.74 3.08 19.01
C ILE B 36 22.76 3.83 18.12
N ASN B 37 22.72 3.55 16.83
CA ASN B 37 23.71 4.12 15.92
C ASN B 37 23.51 5.55 15.45
N ASP B 38 22.33 6.12 15.66
CA ASP B 38 22.04 7.44 15.15
C ASP B 38 22.90 8.40 16.00
N ARG B 39 23.47 9.37 15.29
CA ARG B 39 24.44 10.33 15.88
C ARG B 39 23.84 11.66 16.20
N GLN B 40 22.53 11.82 16.00
CA GLN B 40 21.93 13.11 16.33
C GLN B 40 21.63 13.18 17.82
N ARG B 41 21.38 14.37 18.35
CA ARG B 41 20.75 14.46 19.67
C ARG B 41 19.35 13.86 19.56
N LYS B 42 19.03 12.92 20.45
CA LYS B 42 17.88 12.04 20.24
C LYS B 42 17.32 11.69 21.59
N LYS B 43 16.02 11.41 21.63
CA LYS B 43 15.38 11.04 22.87
C LYS B 43 14.14 10.21 22.53
N ILE B 44 13.79 9.34 23.47
CA ILE B 44 12.53 8.65 23.49
C ILE B 44 11.71 9.01 24.77
N MET B 45 10.52 9.55 24.56
CA MET B 45 9.58 9.84 25.66
C MET B 45 8.44 8.86 25.60
N GLY B 46 8.13 8.30 26.77
CA GLY B 46 7.18 7.23 26.91
C GLY B 46 6.05 7.76 27.76
N ALA B 47 4.88 7.21 27.50
CA ALA B 47 3.71 7.44 28.30
C ALA B 47 3.42 6.18 29.06
N PHE B 48 3.21 6.37 30.38
CA PHE B 48 3.06 5.25 31.30
C PHE B 48 1.82 5.28 32.20
N ASN B 49 1.19 4.12 32.29
CA ASN B 49 0.25 3.83 33.37
CA ASN B 49 0.25 3.80 33.32
C ASN B 49 0.93 2.86 34.29
N GLY B 50 1.42 3.42 35.40
CA GLY B 50 2.28 2.72 36.35
C GLY B 50 3.55 2.35 35.60
N GLU B 51 3.86 1.06 35.52
CA GLU B 51 5.02 0.59 34.78
C GLU B 51 4.67 0.16 33.36
N ILE B 52 3.44 0.40 32.91
CA ILE B 52 3.05 -0.13 31.63
C ILE B 52 3.12 0.95 30.57
N LEU B 53 3.95 0.70 29.56
CA LEU B 53 4.02 1.57 28.38
C LEU B 53 2.70 1.59 27.59
N ILE B 54 2.16 2.80 27.44
CA ILE B 54 0.96 3.02 26.64
C ILE B 54 1.16 3.96 25.46
N GLY B 55 2.35 4.48 25.25
CA GLY B 55 2.63 5.23 24.00
C GLY B 55 4.05 5.76 24.05
N PHE B 56 4.55 6.29 22.93
CA PHE B 56 5.92 6.77 22.84
C PHE B 56 6.05 7.73 21.66
N VAL B 57 7.03 8.61 21.76
CA VAL B 57 7.49 9.41 20.65
C VAL B 57 9.01 9.31 20.66
N ILE B 58 9.56 9.14 19.47
CA ILE B 58 11.00 9.29 19.24
C ILE B 58 11.30 10.53 18.42
N TYR B 59 12.27 11.30 18.87
CA TYR B 59 12.57 12.60 18.27
C TYR B 59 14.05 13.04 18.32
N LYS B 60 14.44 13.88 17.37
CA LYS B 60 15.86 14.15 17.10
C LYS B 60 16.02 15.59 16.64
N GLN B 61 17.17 16.20 16.97
CA GLN B 61 17.58 17.49 16.41
C GLN B 61 18.81 17.25 15.53
N TRP B 62 18.88 17.94 14.39
CA TRP B 62 20.04 17.79 13.50
C TRP B 62 21.25 18.52 14.13
N THR B 63 22.11 17.72 14.75
CA THR B 63 23.27 18.21 15.49
C THR B 63 24.56 17.52 15.00
N TYR B 64 24.42 16.52 14.13
CA TYR B 64 25.58 15.83 13.57
C TYR B 64 25.77 16.10 12.07
N LYS B 65 27.02 16.24 11.64
CA LYS B 65 27.35 16.55 10.23
C LYS B 65 26.76 15.52 9.29
N SER B 66 26.52 15.93 8.05
CA SER B 66 26.02 15.04 6.98
C SER B 66 26.96 15.22 5.82
N GLY B 67 28.05 14.44 5.84
CA GLY B 67 29.04 14.40 4.77
C GLY B 67 29.77 15.73 4.79
N SER B 68 29.73 16.47 3.69
CA SER B 68 30.35 17.79 3.62
C SER B 68 29.52 18.91 4.27
N LEU B 69 28.31 18.54 4.74
CA LEU B 69 27.43 19.52 5.33
C LEU B 69 27.57 19.58 6.85
N LYS B 70 27.55 20.80 7.37
CA LYS B 70 27.43 20.97 8.81
C LYS B 70 25.95 20.87 9.22
N PRO B 71 25.69 20.50 10.48
CA PRO B 71 24.31 20.35 10.96
C PRO B 71 23.52 21.65 10.91
N ASN B 72 22.27 21.55 10.50
CA ASN B 72 21.38 22.69 10.66
C ASN B 72 20.50 22.45 11.89
N HIS B 73 20.81 23.19 12.96
CA HIS B 73 20.19 23.01 14.28
C HIS B 73 18.74 23.45 14.34
N LYS B 74 18.34 24.20 13.32
CA LYS B 74 16.96 24.59 13.13
C LYS B 74 16.03 23.44 12.76
N ILE B 75 16.60 22.29 12.42
CA ILE B 75 15.78 21.18 11.91
C ILE B 75 15.65 20.13 13.01
N GLY B 76 14.41 19.79 13.37
CA GLY B 76 14.11 18.65 14.24
C GLY B 76 13.17 17.70 13.53
N TYR B 77 13.03 16.50 14.10
CA TYR B 77 12.35 15.37 13.50
C TYR B 77 11.48 14.64 14.53
N ILE B 78 10.29 14.22 14.10
CA ILE B 78 9.55 13.18 14.80
C ILE B 78 9.79 11.90 14.02
N ASN B 79 10.67 11.05 14.57
CA ASN B 79 11.02 9.79 13.99
C ASN B 79 9.80 8.85 13.98
N SER B 80 9.10 8.76 15.09
CA SER B 80 7.83 8.01 15.20
C SER B 80 7.04 8.40 16.47
N ILE B 81 5.73 8.18 16.42
CA ILE B 81 4.86 8.40 17.56
C ILE B 81 3.74 7.42 17.43
N ILE B 82 3.45 6.71 18.51
CA ILE B 82 2.36 5.74 18.48
C ILE B 82 1.79 5.72 19.91
N VAL B 83 0.48 5.89 20.01
CA VAL B 83 -0.27 5.57 21.23
C VAL B 83 -1.05 4.25 21.05
N ASP B 84 -1.05 3.36 22.06
CA ASP B 84 -1.77 2.07 21.96
C ASP B 84 -3.25 2.28 21.69
N ILE B 85 -3.81 1.40 20.88
CA ILE B 85 -5.14 1.57 20.34
C ILE B 85 -6.25 1.66 21.43
N ASN B 86 -6.01 1.07 22.59
CA ASN B 86 -6.99 1.11 23.69
C ASN B 86 -6.86 2.32 24.57
N PHE B 87 -5.93 3.20 24.22
CA PHE B 87 -5.69 4.44 24.95
C PHE B 87 -5.75 5.73 24.10
N ARG B 88 -6.43 5.66 22.97
CA ARG B 88 -6.54 6.76 22.01
C ARG B 88 -7.62 7.77 22.42
N HIS B 89 -7.45 9.02 22.00
CA HIS B 89 -8.42 10.09 22.27
C HIS B 89 -8.61 10.32 23.79
N GLN B 90 -7.52 10.17 24.53
CA GLN B 90 -7.45 10.64 25.90
C GLN B 90 -6.45 11.72 26.13
N GLY B 91 -5.85 12.27 25.08
CA GLY B 91 -4.82 13.32 25.27
C GLY B 91 -3.35 12.92 25.33
N ILE B 92 -3.05 11.63 25.22
CA ILE B 92 -1.69 11.12 25.41
C ILE B 92 -0.76 11.50 24.25
N GLY B 93 -1.23 11.31 23.01
CA GLY B 93 -0.49 11.77 21.84
C GLY B 93 -0.11 13.23 21.87
N THR B 94 -1.08 14.06 22.25
CA THR B 94 -0.87 15.50 22.40
C THR B 94 0.21 15.75 23.44
N LYS B 95 0.16 15.03 24.56
CA LYS B 95 1.14 15.29 25.63
C LYS B 95 2.55 14.88 25.16
N LEU B 96 2.63 13.73 24.52
CA LEU B 96 3.90 13.25 23.94
C LEU B 96 4.51 14.20 22.91
N LEU B 97 3.69 14.60 21.93
CA LEU B 97 4.17 15.47 20.91
C LEU B 97 4.49 16.83 21.48
N ASP B 98 3.67 17.35 22.40
CA ASP B 98 4.04 18.60 23.10
C ASP B 98 5.42 18.51 23.78
N ALA B 99 5.68 17.44 24.51
CA ALA B 99 6.95 17.28 25.23
C ALA B 99 8.14 17.33 24.24
N ALA B 100 7.97 16.63 23.11
CA ALA B 100 9.03 16.54 22.11
C ALA B 100 9.18 17.89 21.42
N GLU B 101 8.09 18.53 21.03
CA GLU B 101 8.20 19.83 20.35
C GLU B 101 8.79 20.92 21.27
N GLU B 102 8.43 20.88 22.55
CA GLU B 102 8.92 21.87 23.51
C GLU B 102 10.42 21.77 23.68
N GLU B 103 10.88 20.54 23.81
CA GLU B 103 12.30 20.29 23.99
C GLU B 103 13.07 20.72 22.75
N LEU B 104 12.62 20.28 21.58
CA LEU B 104 13.25 20.68 20.33
C LEU B 104 13.29 22.21 20.15
N ILE B 105 12.16 22.87 20.39
CA ILE B 105 12.00 24.32 20.22
C ILE B 105 12.89 25.10 21.18
N ASN B 106 12.93 24.66 22.44
CA ASN B 106 13.83 25.24 23.44
C ASN B 106 15.30 25.13 23.03
N SER B 107 15.64 24.12 22.23
CA SER B 107 17.01 23.91 21.74
C SER B 107 17.30 24.58 20.40
N GLY B 108 16.35 25.34 19.87
CA GLY B 108 16.59 26.09 18.65
C GLY B 108 15.91 25.59 17.39
N VAL B 109 15.09 24.54 17.46
CA VAL B 109 14.44 24.04 16.24
C VAL B 109 13.37 25.02 15.78
N LYS B 110 13.35 25.30 14.50
CA LYS B 110 12.34 26.13 13.90
C LYS B 110 11.55 25.40 12.81
N ILE B 111 12.02 24.23 12.41
CA ILE B 111 11.35 23.45 11.38
C ILE B 111 11.27 21.99 11.85
N LEU B 112 10.06 21.46 11.89
CA LEU B 112 9.81 20.11 12.43
C LEU B 112 9.32 19.21 11.33
N ARG B 113 9.97 18.08 11.15
CA ARG B 113 9.65 17.13 10.09
C ARG B 113 9.13 15.82 10.65
N CYS B 114 8.16 15.24 9.94
CA CYS B 114 7.58 13.94 10.26
C CYS B 114 8.39 12.95 9.40
N GLY B 115 9.09 12.05 10.08
CA GLY B 115 10.13 11.21 9.52
C GLY B 115 11.23 11.99 8.79
N SER B 116 11.83 11.29 7.84
CA SER B 116 12.94 11.80 7.00
C SER B 116 14.24 12.03 7.75
N ASP B 117 14.31 11.57 9.00
CA ASP B 117 15.53 11.61 9.78
C ASP B 117 16.61 10.63 9.31
N THR B 118 17.84 10.86 9.79
CA THR B 118 18.83 9.78 9.77
C THR B 118 18.28 8.53 10.48
N TYR B 119 18.62 7.36 9.95
CA TYR B 119 18.12 6.14 10.54
C TYR B 119 16.59 6.21 10.74
N HIS B 120 15.86 6.85 9.83
CA HIS B 120 14.40 6.90 9.80
C HIS B 120 13.81 5.50 9.74
N PHE B 121 12.58 5.34 10.22
CA PHE B 121 11.73 4.21 9.79
C PHE B 121 10.86 4.64 8.61
N PHE B 122 10.62 5.93 8.51
CA PHE B 122 9.68 6.50 7.55
C PHE B 122 10.20 7.71 6.80
N PRO B 123 10.11 7.70 5.47
CA PRO B 123 10.39 8.94 4.75
C PRO B 123 9.43 10.11 4.99
N GLY B 124 8.23 9.81 5.49
CA GLY B 124 7.18 10.75 5.73
C GLY B 124 6.06 10.00 6.44
N ILE B 125 4.90 10.61 6.56
CA ILE B 125 3.76 9.97 7.21
C ILE B 125 3.23 8.85 6.33
N PRO B 126 3.28 7.60 6.81
CA PRO B 126 2.76 6.59 5.87
C PRO B 126 1.29 6.74 5.50
N LEU B 127 0.97 6.34 4.26
CA LEU B 127 -0.43 6.22 3.82
C LEU B 127 -1.25 5.31 4.75
N GLU B 128 -0.61 4.29 5.29
CA GLU B 128 -1.28 3.41 6.25
C GLU B 128 -1.62 4.17 7.53
N CYS B 129 -0.85 5.22 7.79
CA CYS B 129 -1.16 6.15 8.86
C CYS B 129 -1.88 7.43 8.42
N LEU B 130 -2.66 7.36 7.36
CA LEU B 130 -3.37 8.54 6.83
C LEU B 130 -4.29 9.20 7.87
N PRO B 131 -4.94 8.42 8.74
CA PRO B 131 -5.75 9.13 9.74
C PRO B 131 -4.98 10.07 10.69
N SER B 132 -3.69 9.86 10.88
CA SER B 132 -2.89 10.73 11.73
C SER B 132 -2.61 12.08 11.10
N GLU B 133 -2.78 12.17 9.79
CA GLU B 133 -2.61 13.47 9.14
C GLU B 133 -3.49 14.52 9.78
N GLU B 134 -4.70 14.16 10.17
CA GLU B 134 -5.59 15.12 10.85
C GLU B 134 -5.02 15.61 12.20
N PHE B 135 -4.41 14.71 12.95
CA PHE B 135 -3.76 15.07 14.22
C PHE B 135 -2.61 16.02 13.96
N PHE B 136 -1.79 15.72 12.95
CA PHE B 136 -0.68 16.64 12.66
C PHE B 136 -1.12 18.03 12.13
N LEU B 137 -2.10 18.04 11.25
CA LEU B 137 -2.58 19.27 10.60
C LEU B 137 -3.11 20.28 11.61
N VAL B 138 -3.92 19.78 12.53
CA VAL B 138 -4.38 20.55 13.67
C VAL B 138 -3.25 21.10 14.51
N ARG B 139 -2.15 20.37 14.57
CA ARG B 139 -0.99 20.77 15.36
C ARG B 139 0.00 21.60 14.57
N GLY B 140 -0.37 22.02 13.37
CA GLY B 140 0.40 22.98 12.57
C GLY B 140 1.37 22.43 11.54
N TYR B 141 1.25 21.14 11.21
CA TYR B 141 2.07 20.55 10.17
C TYR B 141 1.34 20.65 8.80
N LYS B 142 2.08 21.05 7.77
CA LYS B 142 1.56 21.17 6.42
C LYS B 142 1.86 19.91 5.66
N MET B 143 0.85 19.39 4.98
CA MET B 143 1.00 18.14 4.26
C MET B 143 1.53 18.46 2.86
N GLN B 144 2.65 17.87 2.44
CA GLN B 144 3.25 18.30 1.22
C GLN B 144 3.14 17.17 0.20
N ASP B 145 4.22 16.93 -0.51
CA ASP B 145 4.31 15.88 -1.50
C ASP B 145 4.49 14.46 -0.94
N TYR B 146 4.40 13.49 -1.84
CA TYR B 146 4.57 12.06 -1.58
C TYR B 146 5.90 11.44 -2.05
N PHE B 147 6.39 10.46 -1.29
CA PHE B 147 7.48 9.59 -1.70
C PHE B 147 6.96 8.19 -1.67
N TYR B 148 7.66 7.29 -2.35
CA TYR B 148 7.19 5.92 -2.55
C TYR B 148 8.31 4.90 -2.36
N ASP B 149 8.03 3.80 -1.65
CA ASP B 149 8.82 2.57 -1.79
C ASP B 149 8.20 1.75 -2.93
N LEU B 150 9.04 1.18 -3.81
CA LEU B 150 8.58 0.45 -4.97
C LEU B 150 8.86 -1.00 -4.73
N ILE B 151 8.06 -1.88 -5.33
CA ILE B 151 8.30 -3.30 -5.18
C ILE B 151 8.30 -4.01 -6.54
N GLY B 152 9.09 -5.07 -6.64
CA GLY B 152 9.24 -5.86 -7.85
C GLY B 152 9.70 -7.26 -7.51
N ASP B 153 9.63 -8.18 -8.46
CA ASP B 153 10.15 -9.52 -8.22
C ASP B 153 11.11 -9.82 -9.36
N VAL B 154 12.41 -9.70 -9.07
CA VAL B 154 13.43 -9.91 -10.11
C VAL B 154 13.52 -11.32 -10.67
N SER B 155 13.03 -12.31 -9.92
CA SER B 155 12.96 -13.66 -10.47
C SER B 155 12.03 -13.81 -11.67
N LYS B 156 11.15 -12.86 -11.94
CA LYS B 156 9.93 -13.09 -12.71
C LYS B 156 10.00 -12.66 -14.16
N VAL B 157 10.92 -11.77 -14.53
CA VAL B 157 10.98 -11.20 -15.88
C VAL B 157 12.42 -11.19 -16.40
N ASP B 158 12.58 -11.38 -17.70
CA ASP B 158 13.89 -11.35 -18.36
C ASP B 158 13.98 -10.06 -19.15
N PHE B 159 15.10 -9.35 -19.02
CA PHE B 159 15.36 -8.18 -19.87
C PHE B 159 16.61 -8.30 -20.73
N LYS B 160 16.62 -7.63 -21.89
CA LYS B 160 17.80 -7.59 -22.78
C LYS B 160 18.78 -6.52 -22.32
N LYS B 161 20.05 -6.66 -22.72
CA LYS B 161 21.19 -6.12 -21.94
C LYS B 161 21.26 -4.60 -21.87
N LYS B 165 28.38 -0.38 -24.18
CA LYS B 165 28.99 0.94 -24.31
C LYS B 165 30.49 1.00 -23.96
N ASP B 166 31.33 1.20 -24.99
CA ASP B 166 32.80 1.20 -24.91
C ASP B 166 33.41 1.93 -23.72
N GLY B 167 34.17 1.21 -22.89
CA GLY B 167 34.85 1.84 -21.77
C GLY B 167 34.02 1.99 -20.49
N PHE B 168 32.72 1.73 -20.56
CA PHE B 168 31.86 1.72 -19.37
C PHE B 168 31.69 0.29 -18.87
N LYS B 169 31.92 0.09 -17.58
CA LYS B 169 31.82 -1.24 -16.98
C LYS B 169 31.14 -1.12 -15.62
N VAL B 170 30.38 -2.15 -15.26
CA VAL B 170 29.67 -2.22 -13.99
C VAL B 170 30.02 -3.52 -13.31
N ASN B 171 30.56 -3.44 -12.10
CA ASN B 171 30.93 -4.62 -11.32
C ASN B 171 30.72 -4.33 -9.83
N VAL B 172 30.51 -5.40 -9.06
CA VAL B 172 30.53 -5.26 -7.62
C VAL B 172 31.82 -4.60 -7.17
N MET B 173 31.71 -3.79 -6.12
CA MET B 173 32.87 -3.18 -5.49
C MET B 173 33.88 -4.18 -4.91
N LYS B 174 35.17 -3.83 -5.02
CA LYS B 174 36.26 -4.59 -4.45
C LYS B 174 36.92 -3.69 -3.41
N PRO B 175 37.65 -4.26 -2.44
CA PRO B 175 38.05 -3.38 -1.35
C PRO B 175 38.95 -2.24 -1.79
N GLU B 176 39.70 -2.48 -2.86
CA GLU B 176 40.58 -1.47 -3.43
C GLU B 176 39.85 -0.28 -4.03
N ASP B 177 38.53 -0.40 -4.26
CA ASP B 177 37.69 0.69 -4.80
C ASP B 177 37.31 1.77 -3.79
N ARG B 178 37.57 1.51 -2.50
CA ARG B 178 37.10 2.32 -1.41
C ARG B 178 37.48 3.77 -1.66
N LYS B 179 38.74 3.99 -2.01
CA LYS B 179 39.24 5.33 -2.17
C LYS B 179 38.50 6.08 -3.29
N GLY B 180 38.26 5.39 -4.40
CA GLY B 180 37.65 6.05 -5.55
C GLY B 180 36.16 6.33 -5.30
N LEU B 181 35.52 5.40 -4.59
CA LEU B 181 34.13 5.56 -4.18
C LEU B 181 33.99 6.83 -3.35
N PHE B 182 34.85 7.02 -2.35
CA PHE B 182 34.73 8.23 -1.55
C PHE B 182 35.04 9.54 -2.27
N GLU B 183 35.93 9.50 -3.25
CA GLU B 183 36.24 10.70 -4.01
C GLU B 183 35.04 11.07 -4.85
N PHE B 184 34.45 10.06 -5.45
CA PHE B 184 33.25 10.25 -6.26
C PHE B 184 32.11 10.88 -5.42
N LEU B 185 31.87 10.31 -4.26
CA LEU B 185 30.83 10.81 -3.38
C LEU B 185 31.11 12.23 -2.92
N GLU B 186 32.37 12.50 -2.59
CA GLU B 186 32.73 13.84 -2.18
C GLU B 186 32.41 14.84 -3.26
N LYS B 187 32.43 14.38 -4.49
CA LYS B 187 32.20 15.23 -5.64
C LYS B 187 30.73 15.28 -6.09
N SER B 188 30.04 14.15 -6.16
CA SER B 188 28.70 14.10 -6.70
C SER B 188 27.54 14.01 -5.70
N PHE B 189 27.78 13.43 -4.53
CA PHE B 189 26.71 13.18 -3.56
C PHE B 189 27.24 13.36 -2.15
N SER B 190 27.64 14.59 -1.82
CA SER B 190 28.53 14.82 -0.71
C SER B 190 27.74 15.11 0.57
N GLY B 191 26.42 15.06 0.52
CA GLY B 191 25.65 15.17 1.76
C GLY B 191 25.30 13.82 2.40
N ARG B 192 24.00 13.59 2.52
CA ARG B 192 23.50 12.46 3.25
C ARG B 192 23.92 11.13 2.69
N TRP B 193 24.09 11.00 1.38
CA TRP B 193 24.53 9.70 0.86
C TRP B 193 26.01 9.42 1.20
N LEU B 194 26.84 10.46 1.16
CA LEU B 194 28.21 10.34 1.65
C LEU B 194 28.21 9.95 3.15
N GLU B 195 27.39 10.60 3.96
CA GLU B 195 27.43 10.31 5.41
C GLU B 195 27.07 8.86 5.66
N GLU B 196 26.02 8.43 4.97
CA GLU B 196 25.56 7.06 4.99
C GLU B 196 26.70 6.08 4.69
N PHE B 197 27.43 6.30 3.61
CA PHE B 197 28.51 5.40 3.24
C PHE B 197 29.55 5.34 4.35
N ILE B 198 29.91 6.49 4.90
CA ILE B 198 30.86 6.51 6.03
C ILE B 198 30.38 5.70 7.22
N GLU B 199 29.15 5.95 7.64
CA GLU B 199 28.62 5.33 8.85
C GLU B 199 28.27 3.85 8.68
N PHE B 200 27.68 3.51 7.54
CA PHE B 200 27.31 2.13 7.26
C PHE B 200 28.51 1.19 7.23
N PHE B 201 29.62 1.61 6.62
CA PHE B 201 30.86 0.85 6.69
C PHE B 201 31.38 0.64 8.11
N GLN B 202 31.14 1.56 9.03
CA GLN B 202 31.48 1.36 10.44
C GLN B 202 30.50 0.43 11.17
N VAL B 203 29.38 0.04 10.56
CA VAL B 203 28.45 -0.88 11.21
C VAL B 203 27.92 -1.97 10.29
N GLY B 204 28.81 -2.59 9.52
CA GLY B 204 28.55 -3.91 8.97
C GLY B 204 28.32 -3.99 7.48
N MET B 205 28.28 -2.86 6.79
CA MET B 205 28.11 -2.91 5.33
C MET B 205 29.40 -3.49 4.74
N LYS B 206 29.25 -4.39 3.78
CA LYS B 206 30.34 -5.05 3.05
C LYS B 206 30.47 -4.45 1.64
N GLU B 207 31.61 -4.66 1.00
CA GLU B 207 31.78 -4.28 -0.41
C GLU B 207 30.87 -5.02 -1.36
N ARG B 208 30.49 -6.25 -1.02
CA ARG B 208 29.56 -7.03 -1.82
C ARG B 208 28.17 -6.40 -1.97
N ASP B 209 27.85 -5.43 -1.11
CA ASP B 209 26.52 -4.76 -1.17
C ASP B 209 26.53 -3.52 -2.07
N ILE B 210 27.67 -3.23 -2.70
CA ILE B 210 27.87 -2.03 -3.49
C ILE B 210 28.28 -2.38 -4.92
N VAL B 211 27.58 -1.83 -5.90
CA VAL B 211 27.87 -1.98 -7.31
C VAL B 211 28.42 -0.64 -7.81
N LEU B 212 29.46 -0.67 -8.64
CA LEU B 212 30.04 0.56 -9.16
C LEU B 212 30.00 0.49 -10.66
N ILE B 213 29.72 1.63 -11.27
CA ILE B 213 29.87 1.81 -12.70
C ILE B 213 31.10 2.72 -12.85
N LYS B 214 32.02 2.30 -13.72
CA LYS B 214 33.21 3.07 -14.04
C LYS B 214 33.29 3.40 -15.55
N TYR B 215 33.88 4.54 -15.86
CA TYR B 215 34.43 4.83 -17.19
C TYR B 215 35.95 4.75 -17.10
N LYS B 216 36.52 3.83 -17.86
CA LYS B 216 37.87 3.34 -17.61
C LYS B 216 38.08 2.97 -16.15
N THR B 217 38.91 3.76 -15.46
CA THR B 217 39.32 3.45 -14.13
C THR B 217 38.46 4.27 -13.18
N SER B 218 37.72 5.27 -13.69
CA SER B 218 37.08 6.25 -12.82
C SER B 218 35.63 5.88 -12.48
N VAL B 219 35.34 5.86 -11.18
CA VAL B 219 33.96 5.67 -10.70
C VAL B 219 33.05 6.81 -11.13
N ILE B 220 31.95 6.49 -11.83
CA ILE B 220 30.95 7.50 -12.20
C ILE B 220 29.54 7.26 -11.66
N GLY B 221 29.36 6.29 -10.78
CA GLY B 221 28.07 6.09 -10.16
C GLY B 221 28.06 4.80 -9.36
N PHE B 222 26.97 4.56 -8.62
CA PHE B 222 26.95 3.44 -7.67
C PHE B 222 25.52 3.03 -7.43
N SER B 223 25.32 1.77 -7.02
CA SER B 223 24.14 1.39 -6.24
C SER B 223 24.50 0.63 -4.96
N HIS B 224 23.59 0.66 -3.99
CA HIS B 224 23.66 -0.15 -2.79
C HIS B 224 22.55 -1.19 -2.91
N ILE B 225 22.95 -2.46 -2.82
CA ILE B 225 22.03 -3.59 -3.01
C ILE B 225 22.01 -4.46 -1.76
N TYR B 226 20.92 -5.18 -1.59
CA TYR B 226 20.64 -5.89 -0.36
C TYR B 226 20.07 -7.26 -0.63
N ASP B 227 20.51 -8.20 0.20
CA ASP B 227 19.92 -9.51 0.25
C ASP B 227 19.88 -10.06 1.66
N ASN B 228 19.43 -11.29 1.82
CA ASN B 228 19.37 -11.87 3.15
C ASN B 228 20.72 -12.20 3.76
N LYS B 229 21.84 -11.93 3.07
CA LYS B 229 23.17 -12.11 3.64
C LYS B 229 23.75 -10.78 4.09
N SER B 230 23.13 -9.66 3.73
CA SER B 230 23.62 -8.35 4.13
C SER B 230 23.59 -8.30 5.64
N SER B 231 24.60 -7.73 6.27
CA SER B 231 24.59 -7.56 7.71
C SER B 231 24.00 -6.21 8.10
N PHE B 232 24.34 -5.18 7.34
CA PHE B 232 23.68 -3.88 7.52
C PHE B 232 22.25 -3.92 6.99
N ILE B 233 21.30 -3.59 7.87
CA ILE B 233 19.90 -3.61 7.51
C ILE B 233 19.45 -2.21 7.14
N GLY B 234 19.37 -1.97 5.83
CA GLY B 234 18.99 -0.67 5.32
C GLY B 234 17.54 -0.55 4.93
N PRO B 235 17.09 0.69 4.66
CA PRO B 235 15.69 0.91 4.35
C PRO B 235 15.01 -0.02 3.33
N PRO B 236 15.68 -0.43 2.22
CA PRO B 236 14.99 -1.32 1.28
C PRO B 236 14.54 -2.62 1.90
N ILE B 237 15.22 -3.06 2.96
CA ILE B 237 14.85 -4.33 3.62
C ILE B 237 14.34 -4.19 5.05
N TYR B 238 14.03 -2.96 5.46
CA TYR B 238 13.34 -2.78 6.75
C TYR B 238 12.21 -3.78 6.93
N TRP B 239 11.34 -3.87 5.93
CA TRP B 239 10.04 -4.57 6.04
C TRP B 239 10.08 -5.98 5.43
N LYS B 240 11.23 -6.62 5.58
CA LYS B 240 11.49 -7.93 4.98
C LYS B 240 10.50 -9.02 5.39
N ALA B 241 9.91 -8.89 6.57
CA ALA B 241 8.86 -9.83 6.97
C ALA B 241 7.72 -9.92 5.98
N LEU B 242 7.50 -8.87 5.16
CA LEU B 242 6.47 -8.87 4.12
C LEU B 242 6.92 -9.35 2.75
N LEU B 243 8.22 -9.58 2.58
CA LEU B 243 8.83 -9.83 1.29
C LEU B 243 9.09 -11.30 1.01
N GLY B 244 8.98 -12.14 2.04
CA GLY B 244 9.02 -13.58 1.83
C GLY B 244 10.45 -14.07 1.78
N HIS B 245 10.69 -15.23 1.17
CA HIS B 245 12.04 -15.75 1.22
C HIS B 245 12.86 -15.29 0.04
N ASN B 246 14.15 -15.06 0.31
CA ASN B 246 15.12 -14.63 -0.70
C ASN B 246 14.74 -13.23 -1.12
N TYR B 247 14.45 -12.42 -0.11
CA TYR B 247 14.02 -11.03 -0.28
C TYR B 247 15.28 -10.23 -0.58
N GLY B 248 15.13 -9.05 -1.18
CA GLY B 248 16.23 -8.12 -1.31
C GLY B 248 15.80 -6.67 -1.46
N GLY B 249 16.73 -5.84 -1.90
CA GLY B 249 16.47 -4.40 -2.04
C GLY B 249 17.55 -3.68 -2.81
N LEU B 250 17.26 -2.44 -3.18
CA LEU B 250 18.20 -1.57 -3.90
C LEU B 250 17.88 -0.13 -3.53
N GLY B 251 18.92 0.60 -3.14
CA GLY B 251 18.88 2.06 -3.00
C GLY B 251 19.88 2.46 -1.93
N PRO B 252 20.55 3.61 -2.09
CA PRO B 252 20.39 4.53 -3.23
C PRO B 252 21.03 4.05 -4.55
N ILE B 253 20.79 4.80 -5.64
CA ILE B 253 21.44 4.67 -6.92
C ILE B 253 21.70 6.09 -7.45
N GLY B 254 22.91 6.33 -7.92
CA GLY B 254 23.20 7.63 -8.53
C GLY B 254 24.30 7.56 -9.56
N ILE B 255 24.22 8.42 -10.57
CA ILE B 255 25.23 8.67 -11.60
C ILE B 255 25.70 10.14 -11.52
N ASP B 256 26.97 10.35 -11.82
CA ASP B 256 27.55 11.67 -11.97
C ASP B 256 26.71 12.50 -12.96
N LYS B 257 26.42 13.71 -12.53
CA LYS B 257 25.56 14.65 -13.21
C LYS B 257 26.03 14.88 -14.63
N THR B 258 27.33 14.79 -14.83
CA THR B 258 27.94 14.99 -16.11
C THR B 258 27.55 13.86 -17.07
N TYR B 259 27.34 12.65 -16.56
CA TYR B 259 27.04 11.49 -17.40
C TYR B 259 25.58 11.05 -17.45
N ARG B 260 24.65 11.93 -17.10
CA ARG B 260 23.24 11.58 -17.01
C ARG B 260 22.55 11.66 -18.39
N LYS B 261 21.36 11.07 -18.47
CA LYS B 261 20.56 11.05 -19.71
C LYS B 261 21.26 10.45 -20.94
N GLN B 262 22.19 9.51 -20.75
CA GLN B 262 22.69 8.76 -21.89
C GLN B 262 22.61 7.25 -21.73
N GLY B 263 21.75 6.77 -20.82
CA GLY B 263 21.52 5.33 -20.63
C GLY B 263 22.39 4.68 -19.59
N LEU B 264 23.24 5.44 -18.93
CA LEU B 264 24.16 4.83 -17.98
C LEU B 264 23.50 4.48 -16.64
N GLY B 265 22.54 5.26 -16.20
CA GLY B 265 21.68 4.85 -15.06
C GLY B 265 21.00 3.53 -15.29
N ARG B 266 20.45 3.41 -16.49
CA ARG B 266 19.78 2.21 -16.96
C ARG B 266 20.68 0.99 -17.01
N LEU B 267 21.95 1.18 -17.40
CA LEU B 267 22.91 0.10 -17.43
C LEU B 267 23.26 -0.33 -16.02
N LEU B 268 23.56 0.64 -15.15
CA LEU B 268 23.87 0.35 -13.76
C LEU B 268 22.70 -0.36 -13.06
N LEU B 269 21.47 0.08 -13.33
CA LEU B 269 20.31 -0.53 -12.72
C LEU B 269 20.15 -1.97 -13.20
N TYR B 270 20.20 -2.14 -14.52
CA TYR B 270 20.15 -3.47 -15.10
C TYR B 270 21.20 -4.40 -14.48
N GLU B 271 22.46 -3.98 -14.44
CA GLU B 271 23.50 -4.87 -13.93
C GLU B 271 23.35 -5.13 -12.41
N SER B 272 22.92 -4.12 -11.66
CA SER B 272 22.65 -4.30 -10.22
C SER B 272 21.54 -5.36 -10.00
N LEU B 273 20.50 -5.31 -10.82
CA LEU B 273 19.42 -6.29 -10.76
C LEU B 273 19.89 -7.69 -11.16
N GLN B 274 20.73 -7.78 -12.18
CA GLN B 274 21.24 -9.09 -12.63
C GLN B 274 22.02 -9.76 -11.53
N ILE B 275 22.82 -8.96 -10.82
CA ILE B 275 23.57 -9.45 -9.69
C ILE B 275 22.63 -9.98 -8.63
N LEU B 276 21.55 -9.26 -8.36
CA LEU B 276 20.62 -9.70 -7.32
C LEU B 276 19.94 -10.96 -7.82
N LYS B 277 19.54 -10.93 -9.09
CA LYS B 277 18.91 -12.08 -9.71
C LYS B 277 19.76 -13.36 -9.60
N LYS B 278 21.07 -13.22 -9.81
CA LYS B 278 21.99 -14.36 -9.67
C LYS B 278 22.24 -14.73 -8.21
N ARG B 279 22.02 -13.82 -7.27
CA ARG B 279 21.98 -14.18 -5.85
C ARG B 279 20.69 -14.87 -5.43
N GLU B 280 19.81 -15.14 -6.38
CA GLU B 280 18.55 -15.87 -6.17
C GLU B 280 17.51 -15.02 -5.42
N VAL B 281 17.64 -13.71 -5.51
CA VAL B 281 16.65 -12.79 -4.94
C VAL B 281 15.33 -12.89 -5.72
N LYS B 282 14.22 -12.74 -5.00
CA LYS B 282 12.88 -12.70 -5.58
C LYS B 282 12.24 -11.32 -5.37
N LYS B 283 11.47 -11.17 -4.30
CA LYS B 283 10.74 -9.93 -4.04
C LYS B 283 11.73 -8.91 -3.47
N MET B 284 11.74 -7.69 -3.98
CA MET B 284 12.69 -6.70 -3.50
C MET B 284 12.11 -5.29 -3.62
N VAL B 285 12.67 -4.37 -2.83
CA VAL B 285 12.12 -3.03 -2.65
C VAL B 285 13.17 -1.98 -3.02
N ILE B 286 12.69 -0.92 -3.65
CA ILE B 286 13.47 0.27 -3.86
C ILE B 286 12.86 1.38 -3.02
N ASP B 287 13.62 1.99 -2.12
CA ASP B 287 13.05 2.89 -1.11
C ASP B 287 13.08 4.36 -1.52
N TRP B 288 12.09 5.10 -1.03
CA TRP B 288 12.13 6.56 -0.91
C TRP B 288 12.45 7.21 -2.26
N THR B 289 11.57 6.91 -3.21
CA THR B 289 11.56 7.54 -4.52
C THR B 289 10.58 8.70 -4.65
N GLU B 290 10.92 9.68 -5.50
CA GLU B 290 9.99 10.69 -5.94
C GLU B 290 9.19 10.26 -7.16
N LYS B 291 8.03 10.88 -7.32
CA LYS B 291 7.11 10.44 -8.36
C LYS B 291 7.79 10.45 -9.75
N ASP B 292 8.57 11.49 -9.99
CA ASP B 292 9.15 11.72 -11.31
CA ASP B 292 9.21 11.77 -11.27
C ASP B 292 10.26 10.74 -11.64
N ILE B 293 10.64 9.86 -10.71
CA ILE B 293 11.65 8.84 -11.00
C ILE B 293 11.10 7.44 -11.01
N ILE B 294 9.82 7.27 -10.63
CA ILE B 294 9.23 5.92 -10.64
C ILE B 294 9.36 5.16 -11.98
N ASN B 295 9.13 5.85 -13.08
CA ASN B 295 9.16 5.21 -14.38
C ASN B 295 10.50 4.62 -14.79
N PHE B 296 11.57 5.25 -14.28
CA PHE B 296 12.92 4.74 -14.43
C PHE B 296 13.03 3.33 -13.86
N PHE B 297 12.50 3.11 -12.67
CA PHE B 297 12.55 1.76 -12.10
C PHE B 297 11.44 0.88 -12.66
N GLY B 298 10.33 1.49 -13.05
CA GLY B 298 9.15 0.83 -13.61
C GLY B 298 9.41 0.09 -14.91
N ARG B 299 10.36 0.57 -15.70
CA ARG B 299 10.79 -0.17 -16.90
C ARG B 299 11.26 -1.56 -16.51
N PHE B 300 11.70 -1.71 -15.26
CA PHE B 300 12.15 -3.02 -14.79
C PHE B 300 11.10 -3.73 -13.96
N ASN B 301 9.86 -3.35 -14.21
CA ASN B 301 8.66 -3.93 -13.58
C ASN B 301 8.51 -3.58 -12.10
N PHE B 302 9.07 -2.48 -11.63
CA PHE B 302 8.88 -2.05 -10.23
C PHE B 302 7.61 -1.22 -10.17
N MET B 303 6.85 -1.39 -9.10
CA MET B 303 5.61 -0.62 -8.90
C MET B 303 5.53 -0.05 -7.51
N PRO B 304 4.90 1.13 -7.40
CA PRO B 304 4.70 1.72 -6.08
C PRO B 304 4.01 0.74 -5.13
N TRP B 305 4.53 0.66 -3.91
CA TRP B 305 4.16 -0.34 -2.92
C TRP B 305 3.61 0.37 -1.69
N LYS B 306 4.42 1.29 -1.13
CA LYS B 306 4.07 2.04 0.07
C LYS B 306 4.26 3.53 -0.23
N ALA B 307 3.37 4.40 0.25
CA ALA B 307 3.53 5.84 0.06
C ALA B 307 3.66 6.56 1.37
N TYR B 308 4.35 7.69 1.33
CA TYR B 308 4.68 8.45 2.54
C TYR B 308 4.48 9.90 2.21
N ARG B 309 3.90 10.66 3.13
CA ARG B 309 3.57 12.05 2.86
C ARG B 309 4.52 12.92 3.63
N LYS B 310 5.28 13.75 2.93
CA LYS B 310 6.10 14.77 3.62
C LYS B 310 5.24 15.73 4.39
N ALA B 311 5.72 16.16 5.57
CA ALA B 311 4.93 16.99 6.46
C ALA B 311 5.87 17.83 7.36
N THR B 312 5.62 19.12 7.38
CA THR B 312 6.53 20.10 8.00
C THR B 312 5.75 21.15 8.78
N LYS B 313 6.22 21.43 10.00
CA LYS B 313 5.63 22.46 10.86
C LYS B 313 6.70 23.55 11.02
N GLU B 314 6.32 24.79 10.72
CA GLU B 314 7.22 25.93 10.91
C GLU B 314 6.88 26.49 12.27
N VAL B 315 7.87 26.53 13.14
CA VAL B 315 7.73 27.12 14.46
C VAL B 315 7.60 28.64 14.38
N LYS B 316 6.59 29.17 15.07
CA LYS B 316 6.33 30.60 15.10
C LYS B 316 6.93 31.12 16.40
N1A ACO C . 5.91 4.22 -30.50
C2A ACO C . 6.68 4.57 -29.45
N3A ACO C . 6.16 5.09 -28.32
C4A ACO C . 4.82 5.28 -28.18
C5A ACO C . 3.92 4.91 -29.29
C6A ACO C . 4.55 4.35 -30.51
N6A ACO C . 3.80 4.00 -31.57
N7A ACO C . 2.66 5.21 -28.90
C8A ACO C . 2.74 5.70 -27.65
N9A ACO C . 4.00 5.75 -27.23
C1B ACO C . 4.45 6.23 -25.90
C2B ACO C . 3.99 7.63 -25.52
O2B ACO C . 5.06 8.17 -24.76
C3B ACO C . 2.75 7.43 -24.65
O3B ACO C . 2.73 8.40 -23.61
P3B ACO C . 1.49 8.64 -22.62
O7A ACO C . 0.33 8.67 -23.57
O8A ACO C . 1.49 7.47 -21.65
O9A ACO C . 1.81 10.00 -22.03
C4B ACO C . 2.99 6.06 -24.03
O4B ACO C . 3.81 5.35 -24.96
C5B ACO C . 1.76 5.26 -23.63
O5B ACO C . 1.09 4.77 -24.78
P1A ACO C . 0.97 3.21 -25.07
O1A ACO C . 2.29 2.83 -25.70
O2A ACO C . -0.35 3.16 -25.79
O3A ACO C . 0.83 2.47 -23.68
P2A ACO C . 1.38 1.01 -23.26
O4A ACO C . 1.08 0.03 -24.39
O5A ACO C . 2.81 1.10 -22.87
O6A ACO C . 0.38 0.66 -22.04
CBP ACO C . -0.43 0.67 -19.72
CCP ACO C . 0.02 1.49 -20.94
CDP ACO C . -1.56 -0.29 -20.04
CEP ACO C . -0.91 1.64 -18.65
CAP ACO C . 0.81 -0.10 -19.29
OAP ACO C . 1.80 0.81 -18.81
C9P ACO C . 0.57 -1.17 -18.27
O9P ACO C . 0.18 -2.28 -18.63
N8P ACO C . 0.83 -0.82 -17.00
C7P ACO C . 0.66 -1.75 -15.92
C6P ACO C . -0.80 -2.06 -15.64
C5P ACO C . -1.66 -0.86 -15.29
O5P ACO C . -1.24 0.02 -14.55
N4P ACO C . -2.87 -0.87 -15.80
C3P ACO C . -3.91 0.08 -15.45
C2P ACO C . -4.57 -0.33 -14.15
S1P ACO C . -6.02 0.60 -13.84
C ACO C . -7.23 -0.09 -14.79
O ACO C . -7.01 -1.07 -15.47
CH3 ACO C . -8.60 0.51 -14.80
O5B ACO D . -21.06 5.21 14.43
P1A ACO D . -22.31 4.37 14.58
O1A ACO D . -23.58 5.07 15.01
O2A ACO D . -22.06 3.04 15.43
O3A ACO D . -22.56 3.60 13.21
P2A ACO D . -23.84 3.85 12.29
O4A ACO D . -25.04 3.07 12.78
O5A ACO D . -23.85 5.32 11.96
O6A ACO D . -23.45 2.96 11.02
CBP ACO D . -22.62 2.76 8.82
CCP ACO D . -22.34 3.33 10.19
CDP ACO D . -22.76 1.24 8.88
CEP ACO D . -21.42 3.10 7.93
CAP ACO D . -23.94 3.36 8.36
OAP ACO D . -23.87 4.80 8.45
C9P ACO D . -24.40 2.95 6.99
O9P ACO D . -25.09 1.95 6.82
N8P ACO D . -24.04 3.72 6.00
C7P ACO D . -24.42 3.36 4.63
C6P ACO D . -23.71 2.15 4.03
C5P ACO D . -22.20 2.31 4.12
O5P ACO D . -21.67 3.37 3.83
N4P ACO D . -21.47 1.28 4.53
C3P ACO D . -20.02 1.45 4.67
C2P ACO D . -19.26 1.38 3.34
S1P ACO D . -17.58 0.80 3.49
C ACO D . -17.67 -0.86 3.62
O ACO D . -19.01 -1.50 3.50
CH3 ACO D . -16.63 -1.51 3.83
C1 EDO E . -2.74 8.88 -2.53
O1 EDO E . -3.73 8.91 -1.46
C2 EDO E . -1.29 8.93 -2.08
O2 EDO E . -0.36 8.63 -3.15
N1A ACO F . -11.89 12.53 25.02
C2A ACO F . -12.05 12.64 23.68
N3A ACO F . -11.14 13.24 22.88
C4A ACO F . -10.03 13.77 23.45
C5A ACO F . -9.79 13.72 24.89
C6A ACO F . -10.84 13.03 25.68
N6A ACO F . -10.65 12.95 27.03
N7A ACO F . -8.60 14.29 25.19
C8A ACO F . -8.13 14.73 23.99
N9A ACO F . -8.98 14.41 23.00
C1B ACO F . -8.86 14.65 21.54
C2B ACO F . -7.74 15.66 21.24
O2B ACO F . -8.09 17.05 21.48
C3B ACO F . -7.53 15.28 19.78
O3B ACO F . -8.42 15.92 18.87
P3B ACO F . -7.87 17.03 17.85
O7A ACO F . -6.83 16.34 16.98
O8A ACO F . -9.13 17.52 17.17
O9A ACO F . -7.20 18.10 18.75
C4B ACO F . -7.81 13.78 19.67
O4B ACO F . -8.50 13.42 20.87
C5B ACO F . -6.54 12.95 19.48
O5B ACO F . -5.55 13.50 20.33
P1A ACO F . -4.80 12.63 21.46
O1A ACO F . -5.75 11.76 22.18
O2A ACO F . -3.89 13.61 22.17
O3A ACO F . -3.85 11.70 20.59
P2A ACO F . -3.87 10.09 20.65
O4A ACO F . -3.27 9.69 21.95
O5A ACO F . -5.16 9.48 20.17
O6A ACO F . -2.60 9.89 19.69
CBP ACO F . -1.82 9.27 17.42
CCP ACO F . -2.64 10.26 18.28
CDP ACO F . -0.41 9.08 18.00
CEP ACO F . -1.68 9.78 15.97
CAP ACO F . -2.55 7.93 17.43
OAP ACO F . -3.77 7.93 16.69
C9P ACO F . -1.69 6.85 16.83
O9P ACO F . -0.83 6.32 17.51
N8P ACO F . -2.01 6.47 15.59
C7P ACO F . -1.40 5.33 14.90
C6P ACO F . 0.10 5.45 14.61
C5P ACO F . 0.44 6.60 13.71
O5P ACO F . -0.29 6.77 12.73
N4P ACO F . 1.50 7.39 13.98
C3P ACO F . 1.92 8.37 13.00
C2P ACO F . 2.97 7.79 12.04
S1P ACO F . 3.79 9.16 11.28
C ACO F . 5.08 9.50 12.32
O ACO F . 5.29 8.86 13.35
CH3 ACO F . 6.03 10.59 11.94
O5B ACO G . 19.48 5.66 -18.13
P1A ACO G . 19.25 7.13 -17.96
O1A ACO G . 17.83 7.69 -17.99
O2A ACO G . 20.08 8.08 -18.95
O3A ACO G . 19.56 7.52 -16.43
P2A ACO G . 20.51 8.66 -15.88
O4A ACO G . 21.91 8.22 -16.24
O5A ACO G . 20.06 10.07 -16.05
O6A ACO G . 20.43 8.23 -14.33
CBP ACO G . 19.52 8.64 -12.18
CCP ACO G . 19.19 8.33 -13.62
CDP ACO G . 20.44 7.55 -11.66
CEP ACO G . 18.21 8.66 -11.39
CAP ACO G . 20.26 9.98 -12.18
OAP ACO G . 19.40 10.95 -12.74
C9P ACO G . 20.71 10.46 -10.84
O9P ACO G . 21.74 10.01 -10.37
N8P ACO G . 19.99 11.39 -10.21
C7P ACO G . 20.36 11.93 -8.92
C6P ACO G . 20.24 10.92 -7.78
C5P ACO G . 18.85 10.31 -7.74
O5P ACO G . 17.89 11.05 -7.76
N4P ACO G . 18.77 8.97 -7.67
C3P ACO G . 17.56 8.20 -7.51
C2P ACO G . 16.86 8.48 -6.17
S1P ACO G . 15.71 7.19 -5.82
C ACO G . 16.77 6.02 -5.25
O ACO G . 17.98 6.19 -5.16
CH3 ACO G . 16.24 4.67 -4.92
CL CL H . 23.76 13.43 -1.01
#